data_7VWS
#
_entry.id   7VWS
#
_cell.length_a   63.240
_cell.length_b   71.394
_cell.length_c   83.894
_cell.angle_alpha   90.000
_cell.angle_beta   109.907
_cell.angle_gamma   90.000
#
_symmetry.space_group_name_H-M   'P 1 21 1'
#
loop_
_entity.id
_entity.type
_entity.pdbx_description
1 polymer LvqB4
2 non-polymer 'MAGNESIUM ION'
3 non-polymer 2-methyl-1-[(2R)-2-oxidanylpropyl]-9H-carbazole-3,4-dione
4 non-polymer '[(3S)-3,7-dimethyloct-6-enyl] phosphono hydrogen phosphate'
5 water water
#
_entity_poly.entity_id   1
_entity_poly.type   'polypeptide(L)'
_entity_poly.pdbx_seq_one_letter_code
;MKHHHHHHHHGGLVPRGSHGGSTIVQELDQAGITDSGLRADYITVSRLFREIGRGRYLGRYMFPAAKRPYFDAFITFVAY
VDNLTDDIKHSVEVRARRLDEWERTYLAVAKGDAPSADRPLSRSEQTDAAVARALVHTLRTWDLPYLRVPEFVDGNRKAL
TTYEYANDEALDEFLETVTLLPAVWINQIFEPRSAEAEELCRHTITAFQLLDFIWDLREDLDLGRLYLPMEHLDRFGVTR
ADLDRQIGSGHLTDDVRELLRFEIGRAKKHLDAGRGWPQSLHPTSRTFMEADIQLHDSMFPQLTKNGYAFFKTAKAGLGL
TSGLMIARTASAIARARKINQQAIRGGYRVRAPFQDGVTE
;
_entity_poly.pdbx_strand_id   A,B
#
loop_
_chem_comp.id
_chem_comp.type
_chem_comp.name
_chem_comp.formula
83B non-polymer '[(3S)-3,7-dimethyloct-6-enyl] phosphono hydrogen phosphate' 'C10 H22 O7 P2'
AO6 non-polymer 2-methyl-1-[(2R)-2-oxidanylpropyl]-9H-carbazole-3,4-dione 'C16 H15 N O3'
MG non-polymer 'MAGNESIUM ION' 'Mg 2'
#
# COMPACT_ATOMS: atom_id res chain seq x y z
N THR A 23 15.97 25.79 14.67
CA THR A 23 15.21 26.43 13.59
C THR A 23 15.00 25.48 12.42
N ILE A 24 13.98 25.76 11.61
CA ILE A 24 13.68 24.91 10.47
C ILE A 24 14.86 24.85 9.51
N VAL A 25 15.64 25.93 9.42
CA VAL A 25 16.78 25.93 8.50
C VAL A 25 17.81 24.89 8.92
N GLN A 26 18.15 24.87 10.22
CA GLN A 26 19.09 23.87 10.72
C GLN A 26 18.50 22.47 10.62
N GLU A 27 17.20 22.33 10.87
CA GLU A 27 16.56 21.03 10.73
C GLU A 27 16.57 20.56 9.29
N LEU A 28 16.32 21.47 8.33
CA LEU A 28 16.43 21.11 6.92
C LEU A 28 17.85 20.69 6.56
N ASP A 29 18.85 21.37 7.14
CA ASP A 29 20.24 20.98 6.92
C ASP A 29 20.48 19.56 7.41
N GLN A 30 20.05 19.27 8.64
CA GLN A 30 20.23 17.93 9.19
C GLN A 30 19.48 16.87 8.38
N ALA A 31 18.31 17.22 7.83
CA ALA A 31 17.58 16.29 6.98
C ALA A 31 18.24 16.10 5.62
N GLY A 32 19.19 16.98 5.27
CA GLY A 32 19.83 16.89 3.97
C GLY A 32 19.00 17.42 2.84
N ILE A 33 18.00 18.25 3.12
CA ILE A 33 17.14 18.82 2.09
C ILE A 33 17.80 20.12 1.62
N THR A 34 18.34 20.10 0.41
CA THR A 34 19.17 21.21 -0.05
C THR A 34 18.57 22.00 -1.21
N ASP A 35 17.59 21.44 -1.92
CA ASP A 35 16.96 22.17 -3.02
C ASP A 35 16.30 23.45 -2.50
N SER A 36 16.71 24.59 -3.05
CA SER A 36 16.22 25.86 -2.52
C SER A 36 14.71 26.02 -2.69
N GLY A 37 14.15 25.49 -3.78
CA GLY A 37 12.70 25.55 -3.94
C GLY A 37 11.98 24.72 -2.90
N LEU A 38 12.46 23.50 -2.67
CA LEU A 38 11.84 22.62 -1.68
C LEU A 38 12.02 23.17 -0.27
N ARG A 39 13.23 23.66 0.05
CA ARG A 39 13.45 24.23 1.38
C ARG A 39 12.48 25.37 1.66
N ALA A 40 12.26 26.24 0.68
CA ALA A 40 11.34 27.35 0.89
C ALA A 40 9.94 26.83 1.21
N ASP A 41 9.53 25.76 0.53
CA ASP A 41 8.21 25.20 0.78
C ASP A 41 8.11 24.63 2.19
N TYR A 42 9.11 23.89 2.65
CA TYR A 42 9.07 23.39 4.03
C TYR A 42 9.07 24.53 5.03
N ILE A 43 9.76 25.63 4.71
CA ILE A 43 9.75 26.79 5.59
C ILE A 43 8.35 27.38 5.67
N THR A 44 7.73 27.60 4.51
CA THR A 44 6.36 28.11 4.46
C THR A 44 5.43 27.23 5.26
N VAL A 45 5.53 25.92 5.05
CA VAL A 45 4.64 24.98 5.72
C VAL A 45 4.83 25.05 7.24
N SER A 46 6.09 25.15 7.69
CA SER A 46 6.34 25.17 9.13
C SER A 46 5.71 26.39 9.79
N ARG A 47 5.81 27.55 9.15
CA ARG A 47 5.14 28.75 9.68
C ARG A 47 3.63 28.60 9.65
N LEU A 48 3.09 28.00 8.58
CA LEU A 48 1.65 27.74 8.52
C LEU A 48 1.22 26.81 9.65
N PHE A 49 2.01 25.77 9.92
CA PHE A 49 1.75 24.85 11.02
C PHE A 49 1.61 25.61 12.33
N ARG A 50 2.55 26.51 12.59
CA ARG A 50 2.51 27.29 13.84
C ARG A 50 1.24 28.13 13.91
N GLU A 51 0.77 28.64 12.77
CA GLU A 51 -0.43 29.47 12.76
C GLU A 51 -1.70 28.65 13.00
N ILE A 52 -1.75 27.41 12.49
CA ILE A 52 -2.91 26.56 12.73
C ILE A 52 -3.00 26.05 14.16
N GLY A 53 -2.10 26.46 15.06
CA GLY A 53 -2.17 26.06 16.45
C GLY A 53 -0.80 25.87 17.06
N ARG A 54 -0.44 26.72 18.02
CA ARG A 54 0.88 26.59 18.63
C ARG A 54 0.98 25.33 19.47
N GLY A 55 -0.11 24.97 20.16
CA GLY A 55 -0.07 23.77 20.97
C GLY A 55 0.33 22.54 20.18
N ARG A 56 -0.33 22.33 19.04
CA ARG A 56 -0.01 21.18 18.21
C ARG A 56 1.36 21.31 17.57
N TYR A 57 1.73 22.53 17.18
CA TYR A 57 3.03 22.78 16.57
C TYR A 57 4.17 22.32 17.46
N LEU A 58 4.03 22.49 18.78
CA LEU A 58 5.13 22.19 19.69
C LEU A 58 5.45 20.70 19.73
N GLY A 59 4.53 19.85 19.28
CA GLY A 59 4.81 18.42 19.22
C GLY A 59 5.99 18.09 18.33
N ARG A 60 6.27 18.96 17.36
CA ARG A 60 7.43 18.75 16.49
C ARG A 60 8.73 18.61 17.27
N TYR A 61 8.83 19.25 18.43
CA TYR A 61 10.05 19.23 19.24
C TYR A 61 10.19 17.96 20.05
N MET A 62 9.23 17.03 19.94
CA MET A 62 9.33 15.71 20.53
C MET A 62 9.98 14.71 19.59
N PHE A 63 10.28 15.13 18.36
CA PHE A 63 10.88 14.28 17.34
C PHE A 63 12.33 14.66 17.07
N PRO A 64 13.13 13.72 16.56
CA PRO A 64 14.48 14.06 16.10
C PRO A 64 14.47 15.24 15.13
N ALA A 65 15.45 16.13 15.29
CA ALA A 65 15.50 17.36 14.50
C ALA A 65 15.30 17.10 13.01
N ALA A 66 15.99 16.10 12.46
CA ALA A 66 15.93 15.87 11.01
C ALA A 66 14.58 15.32 10.57
N LYS A 67 13.74 14.86 11.50
CA LYS A 67 12.42 14.39 11.11
C LYS A 67 11.38 15.49 11.14
N ARG A 68 11.69 16.62 11.76
CA ARG A 68 10.67 17.66 11.95
C ARG A 68 10.15 18.24 10.65
N PRO A 69 10.93 18.42 9.58
CA PRO A 69 10.31 18.88 8.32
C PRO A 69 9.22 17.94 7.84
N TYR A 70 9.42 16.62 7.99
CA TYR A 70 8.41 15.66 7.55
C TYR A 70 7.19 15.69 8.44
N PHE A 71 7.39 15.76 9.76
CA PHE A 71 6.27 15.89 10.68
C PHE A 71 5.45 17.14 10.36
N ASP A 72 6.14 18.28 10.19
CA ASP A 72 5.49 19.54 9.82
C ASP A 72 4.62 19.36 8.58
N ALA A 73 5.19 18.80 7.52
CA ALA A 73 4.49 18.73 6.25
C ALA A 73 3.30 17.81 6.34
N PHE A 74 3.42 16.69 7.06
CA PHE A 74 2.30 15.76 7.09
C PHE A 74 1.16 16.30 7.95
N ILE A 75 1.46 16.79 9.15
CA ILE A 75 0.41 17.31 10.03
C ILE A 75 -0.27 18.52 9.39
N THR A 76 0.52 19.43 8.81
CA THR A 76 -0.08 20.60 8.15
C THR A 76 -1.01 20.18 7.02
N PHE A 77 -0.60 19.22 6.20
CA PHE A 77 -1.49 18.70 5.14
C PHE A 77 -2.84 18.28 5.72
N VAL A 78 -2.82 17.45 6.76
CA VAL A 78 -4.08 16.92 7.27
C VAL A 78 -4.92 18.05 7.87
N ALA A 79 -4.29 18.89 8.68
CA ALA A 79 -5.01 20.01 9.30
C ALA A 79 -5.48 21.02 8.25
N TYR A 80 -4.64 21.31 7.26
CA TYR A 80 -4.99 22.28 6.24
C TYR A 80 -6.22 21.83 5.45
N VAL A 81 -6.24 20.57 5.02
CA VAL A 81 -7.37 20.06 4.25
C VAL A 81 -8.61 19.92 5.12
N ASP A 82 -8.45 19.38 6.32
CA ASP A 82 -9.60 19.27 7.22
C ASP A 82 -10.19 20.65 7.49
N ASN A 83 -9.34 21.69 7.58
CA ASN A 83 -9.79 23.06 7.79
C ASN A 83 -10.57 23.60 6.59
N LEU A 84 -10.15 23.26 5.36
CA LEU A 84 -10.96 23.65 4.20
C LEU A 84 -12.39 23.13 4.35
N THR A 85 -12.52 21.90 4.87
CA THR A 85 -13.81 21.23 4.96
C THR A 85 -14.67 21.82 6.07
N ASP A 86 -14.05 22.36 7.12
CA ASP A 86 -14.75 22.84 8.31
C ASP A 86 -14.80 24.36 8.39
N ASP A 87 -14.61 25.05 7.27
CA ASP A 87 -14.70 26.51 7.21
C ASP A 87 -16.18 26.88 7.22
N ILE A 88 -16.78 26.83 8.41
CA ILE A 88 -18.24 26.96 8.50
C ILE A 88 -18.75 28.33 8.09
N LYS A 89 -17.88 29.30 7.85
CA LYS A 89 -18.35 30.57 7.29
C LYS A 89 -18.96 30.38 5.91
N HIS A 90 -18.43 29.43 5.12
CA HIS A 90 -18.76 29.34 3.71
C HIS A 90 -19.64 28.14 3.42
N SER A 91 -20.35 28.24 2.28
CA SER A 91 -21.29 27.21 1.87
C SER A 91 -20.56 25.91 1.56
N VAL A 92 -21.32 24.81 1.57
CA VAL A 92 -20.72 23.53 1.23
C VAL A 92 -20.19 23.56 -0.20
N GLU A 93 -20.84 24.32 -1.08
CA GLU A 93 -20.36 24.43 -2.46
C GLU A 93 -19.01 25.12 -2.52
N VAL A 94 -18.85 26.23 -1.78
CA VAL A 94 -17.56 26.92 -1.77
C VAL A 94 -16.49 26.01 -1.20
N ARG A 95 -16.79 25.33 -0.09
CA ARG A 95 -15.81 24.43 0.50
C ARG A 95 -15.45 23.28 -0.43
N ALA A 96 -16.46 22.73 -1.13
CA ALA A 96 -16.17 21.73 -2.15
C ALA A 96 -15.24 22.26 -3.23
N ARG A 97 -15.47 23.49 -3.70
CA ARG A 97 -14.60 24.09 -4.70
C ARG A 97 -13.16 24.23 -4.17
N ARG A 98 -13.00 24.62 -2.91
CA ARG A 98 -11.65 24.72 -2.33
C ARG A 98 -10.97 23.37 -2.33
N LEU A 99 -11.70 22.31 -2.00
CA LEU A 99 -11.10 20.98 -2.01
C LEU A 99 -10.64 20.62 -3.40
N ASP A 100 -11.48 20.92 -4.41
CA ASP A 100 -11.11 20.67 -5.80
C ASP A 100 -9.86 21.44 -6.18
N GLU A 101 -9.76 22.71 -5.74
CA GLU A 101 -8.59 23.54 -6.05
C GLU A 101 -7.32 22.94 -5.46
N TRP A 102 -7.37 22.58 -4.18
CA TRP A 102 -6.18 22.01 -3.57
C TRP A 102 -5.82 20.69 -4.25
N GLU A 103 -6.83 19.86 -4.55
CA GLU A 103 -6.54 18.56 -5.15
C GLU A 103 -5.93 18.72 -6.54
N ARG A 104 -6.44 19.67 -7.33
CA ARG A 104 -5.87 19.92 -8.66
C ARG A 104 -4.42 20.34 -8.57
N THR A 105 -4.12 21.24 -7.63
CA THR A 105 -2.74 21.68 -7.39
C THR A 105 -1.87 20.53 -6.90
N TYR A 106 -2.38 19.71 -5.97
CA TYR A 106 -1.59 18.57 -5.51
C TYR A 106 -1.25 17.64 -6.66
N LEU A 107 -2.24 17.30 -7.49
CA LEU A 107 -1.99 16.35 -8.58
C LEU A 107 -1.03 16.92 -9.60
N ALA A 108 -1.12 18.21 -9.88
CA ALA A 108 -0.16 18.86 -10.78
C ALA A 108 1.26 18.74 -10.24
N VAL A 109 1.44 18.99 -8.95
CA VAL A 109 2.75 18.84 -8.34
C VAL A 109 3.17 17.37 -8.34
N ALA A 110 2.24 16.46 -8.03
CA ALA A 110 2.59 15.06 -7.89
C ALA A 110 3.02 14.45 -9.21
N LYS A 111 2.51 14.95 -10.33
CA LYS A 111 2.86 14.43 -11.64
C LYS A 111 3.95 15.25 -12.32
N GLY A 112 4.60 16.16 -11.59
CA GLY A 112 5.58 17.05 -12.18
C GLY A 112 5.00 17.91 -13.29
N PRO A 120 -1.38 37.03 -10.75
CA PRO A 120 -1.12 37.05 -9.30
C PRO A 120 -1.80 35.88 -8.58
N LEU A 121 -1.16 35.36 -7.53
CA LEU A 121 -1.72 34.24 -6.77
C LEU A 121 -2.38 34.77 -5.51
N SER A 122 -3.57 34.29 -5.22
CA SER A 122 -4.16 34.58 -3.93
C SER A 122 -3.34 33.87 -2.84
N ARG A 123 -3.59 34.26 -1.59
CA ARG A 123 -2.89 33.62 -0.48
C ARG A 123 -3.19 32.13 -0.43
N SER A 124 -4.44 31.74 -0.67
CA SER A 124 -4.80 30.33 -0.64
C SER A 124 -4.11 29.55 -1.75
N GLU A 125 -3.92 30.15 -2.93
CA GLU A 125 -3.22 29.46 -3.99
C GLU A 125 -1.75 29.27 -3.63
N GLN A 126 -1.14 30.30 -3.03
CA GLN A 126 0.26 30.18 -2.59
C GLN A 126 0.42 29.07 -1.57
N THR A 127 -0.47 29.02 -0.56
CA THR A 127 -0.34 27.98 0.46
C THR A 127 -0.71 26.61 -0.09
N ASP A 128 -1.74 26.52 -0.94
CA ASP A 128 -2.06 25.23 -1.55
C ASP A 128 -0.82 24.58 -2.15
N ALA A 129 -0.04 25.37 -2.90
CA ALA A 129 1.11 24.85 -3.64
C ALA A 129 2.24 24.46 -2.70
N ALA A 130 2.52 25.28 -1.67
CA ALA A 130 3.58 24.96 -0.72
C ALA A 130 3.25 23.71 0.06
N VAL A 131 2.01 23.62 0.55
CA VAL A 131 1.56 22.42 1.25
C VAL A 131 1.70 21.19 0.35
N ALA A 132 1.26 21.32 -0.92
CA ALA A 132 1.33 20.18 -1.82
C ALA A 132 2.77 19.78 -2.11
N ARG A 133 3.65 20.76 -2.38
CA ARG A 133 5.01 20.39 -2.77
C ARG A 133 5.75 19.73 -1.61
N ALA A 134 5.63 20.28 -0.40
CA ALA A 134 6.25 19.65 0.75
C ALA A 134 5.68 18.26 1.00
N LEU A 135 4.36 18.11 0.87
CA LEU A 135 3.73 16.82 1.14
C LEU A 135 4.22 15.75 0.15
N VAL A 136 4.26 16.08 -1.14
CA VAL A 136 4.72 15.08 -2.10
C VAL A 136 6.12 14.60 -1.72
N HIS A 137 7.02 15.53 -1.42
CA HIS A 137 8.37 15.12 -1.07
C HIS A 137 8.38 14.28 0.20
N THR A 138 7.64 14.69 1.23
CA THR A 138 7.53 13.89 2.44
C THR A 138 7.02 12.49 2.14
N LEU A 139 5.94 12.38 1.35
CA LEU A 139 5.33 11.07 1.11
C LEU A 139 6.29 10.17 0.34
N ARG A 140 6.97 10.71 -0.67
CA ARG A 140 7.91 9.89 -1.43
C ARG A 140 9.13 9.51 -0.59
N THR A 141 9.61 10.42 0.25
CA THR A 141 10.73 10.10 1.12
C THR A 141 10.42 8.87 1.97
N TRP A 142 9.18 8.74 2.46
CA TRP A 142 8.78 7.70 3.39
C TRP A 142 8.05 6.54 2.72
N ASP A 143 8.16 6.41 1.38
CA ASP A 143 7.63 5.25 0.67
C ASP A 143 6.12 5.10 0.86
N LEU A 144 5.42 6.24 0.93
CA LEU A 144 3.98 6.29 1.10
C LEU A 144 3.28 6.50 -0.24
N PRO A 145 2.03 6.06 -0.36
CA PRO A 145 1.33 6.07 -1.66
C PRO A 145 0.77 7.45 -2.03
N TYR A 146 1.68 8.31 -2.50
CA TYR A 146 1.34 9.72 -2.71
C TYR A 146 0.24 9.91 -3.74
N LEU A 147 0.07 8.97 -4.66
CA LEU A 147 -1.00 9.12 -5.64
C LEU A 147 -2.37 8.79 -5.05
N ARG A 148 -2.45 8.28 -3.82
CA ARG A 148 -3.75 7.99 -3.23
C ARG A 148 -4.27 9.12 -2.35
N VAL A 149 -3.57 10.24 -2.25
CA VAL A 149 -4.03 11.40 -1.48
C VAL A 149 -5.44 11.82 -1.91
N PRO A 150 -5.81 11.76 -3.19
CA PRO A 150 -7.21 12.05 -3.54
C PRO A 150 -8.24 11.23 -2.78
N GLU A 151 -7.92 10.03 -2.31
CA GLU A 151 -8.91 9.27 -1.54
C GLU A 151 -9.27 10.00 -0.25
N PHE A 152 -8.26 10.61 0.39
CA PHE A 152 -8.49 11.43 1.57
C PHE A 152 -9.32 12.66 1.23
N VAL A 153 -9.02 13.32 0.11
CA VAL A 153 -9.79 14.50 -0.27
C VAL A 153 -11.24 14.11 -0.55
N ASP A 154 -11.46 12.97 -1.22
CA ASP A 154 -12.81 12.51 -1.51
C ASP A 154 -13.61 12.23 -0.24
N GLY A 155 -12.96 11.65 0.76
CA GLY A 155 -13.64 11.46 2.04
C GLY A 155 -14.11 12.76 2.64
N ASN A 156 -13.28 13.80 2.54
CA ASN A 156 -13.67 15.12 3.01
C ASN A 156 -14.79 15.72 2.16
N ARG A 157 -14.72 15.53 0.84
CA ARG A 157 -15.78 16.01 -0.04
C ARG A 157 -17.12 15.36 0.32
N LYS A 158 -17.11 14.05 0.57
CA LYS A 158 -18.33 13.34 0.93
C LYS A 158 -18.86 13.78 2.30
N ALA A 159 -17.95 14.02 3.25
CA ALA A 159 -18.37 14.45 4.59
C ALA A 159 -19.13 15.77 4.54
N LEU A 160 -18.79 16.65 3.59
CA LEU A 160 -19.43 17.97 3.52
C LEU A 160 -20.94 17.87 3.42
N THR A 161 -21.45 16.90 2.65
CA THR A 161 -22.88 16.77 2.43
C THR A 161 -23.50 15.63 3.23
N THR A 162 -22.82 15.13 4.26
CA THR A 162 -23.35 14.07 5.10
C THR A 162 -23.60 14.63 6.50
N TYR A 163 -24.86 14.63 6.92
CA TYR A 163 -25.24 15.28 8.18
C TYR A 163 -25.68 14.30 9.24
N GLU A 164 -25.66 13.01 8.94
CA GLU A 164 -26.19 11.97 9.81
C GLU A 164 -25.62 10.65 9.34
N TYR A 165 -25.52 9.70 10.28
CA TYR A 165 -24.94 8.38 10.04
C TYR A 165 -25.87 7.34 10.62
N ALA A 166 -26.34 6.39 9.79
CA ALA A 166 -27.41 5.50 10.28
C ALA A 166 -26.89 4.50 11.31
N ASN A 167 -25.64 4.09 11.19
CA ASN A 167 -25.09 3.00 11.98
C ASN A 167 -23.58 3.08 11.93
N ASP A 168 -22.91 2.14 12.61
CA ASP A 168 -21.45 2.12 12.65
C ASP A 168 -20.86 1.96 11.25
N GLU A 169 -21.51 1.15 10.40
CA GLU A 169 -21.01 0.93 9.05
C GLU A 169 -20.97 2.23 8.26
N ALA A 170 -21.99 3.07 8.42
CA ALA A 170 -22.00 4.33 7.70
C ALA A 170 -20.92 5.27 8.23
N LEU A 171 -20.77 5.35 9.56
CA LEU A 171 -19.71 6.19 10.12
C LEU A 171 -18.33 5.70 9.69
N ASP A 172 -18.17 4.39 9.46
CA ASP A 172 -16.89 3.89 8.95
C ASP A 172 -16.52 4.49 7.61
N GLU A 173 -17.50 4.95 6.83
CA GLU A 173 -17.17 5.59 5.56
C GLU A 173 -16.40 6.90 5.78
N PHE A 174 -16.72 7.60 6.85
CA PHE A 174 -15.95 8.77 7.27
C PHE A 174 -14.63 8.35 7.91
N LEU A 175 -14.68 7.44 8.90
CA LEU A 175 -13.48 7.11 9.65
C LEU A 175 -12.39 6.51 8.76
N GLU A 176 -12.77 5.66 7.81
CA GLU A 176 -11.73 4.97 7.03
C GLU A 176 -11.11 5.82 5.95
N THR A 177 -11.69 6.98 5.63
CA THR A 177 -11.11 7.89 4.63
C THR A 177 -10.55 9.16 5.27
N VAL A 178 -11.39 9.90 5.99
CA VAL A 178 -10.95 11.17 6.57
C VAL A 178 -10.00 10.94 7.73
N THR A 179 -10.31 9.98 8.61
CA THR A 179 -9.56 9.84 9.85
C THR A 179 -8.37 8.90 9.73
N LEU A 180 -8.61 7.67 9.26
CA LEU A 180 -7.58 6.64 9.41
C LEU A 180 -6.66 6.50 8.22
N LEU A 181 -7.03 6.96 7.03
CA LEU A 181 -6.09 6.92 5.91
C LEU A 181 -4.84 7.73 6.19
N PRO A 182 -4.91 9.01 6.57
CA PRO A 182 -3.67 9.71 6.97
C PRO A 182 -3.03 9.10 8.21
N ALA A 183 -3.83 8.55 9.13
CA ALA A 183 -3.28 7.92 10.33
C ALA A 183 -2.34 6.76 9.98
N VAL A 184 -2.76 5.85 9.09
CA VAL A 184 -1.86 4.73 8.78
C VAL A 184 -0.66 5.20 7.98
N TRP A 185 -0.76 6.33 7.27
CA TRP A 185 0.40 6.88 6.58
C TRP A 185 1.40 7.45 7.57
N ILE A 186 0.95 8.27 8.51
CA ILE A 186 1.93 8.85 9.42
C ILE A 186 2.51 7.79 10.34
N ASN A 187 1.79 6.68 10.55
CA ASN A 187 2.35 5.55 11.30
C ASN A 187 3.70 5.13 10.73
N GLN A 188 3.82 5.14 9.39
CA GLN A 188 5.08 4.75 8.78
C GLN A 188 6.18 5.76 9.06
N ILE A 189 5.84 7.05 9.09
CA ILE A 189 6.83 8.07 9.40
C ILE A 189 7.32 7.94 10.82
N PHE A 190 6.49 7.41 11.73
CA PHE A 190 6.90 7.13 13.11
C PHE A 190 7.85 5.93 13.22
N GLU A 191 8.09 5.16 12.13
CA GLU A 191 9.04 4.04 12.07
C GLU A 191 8.60 2.90 12.99
N PRO A 192 7.55 2.17 12.61
CA PRO A 192 7.10 1.03 13.40
C PRO A 192 8.19 -0.01 13.54
N ARG A 193 8.26 -0.62 14.72
CA ARG A 193 9.17 -1.75 14.91
C ARG A 193 8.47 -3.09 14.84
N SER A 194 7.14 -3.14 14.86
CA SER A 194 6.43 -4.42 14.73
C SER A 194 5.16 -4.22 13.92
N ALA A 195 4.67 -5.31 13.33
CA ALA A 195 3.50 -5.24 12.47
C ALA A 195 2.23 -4.87 13.23
N GLU A 196 2.21 -5.06 14.56
CA GLU A 196 1.04 -4.70 15.35
C GLU A 196 0.81 -3.19 15.38
N ALA A 197 1.81 -2.39 14.98
CA ALA A 197 1.69 -0.93 15.12
C ALA A 197 0.48 -0.38 14.38
N GLU A 198 0.21 -0.86 13.17
CA GLU A 198 -0.89 -0.27 12.40
C GLU A 198 -2.24 -0.50 13.07
N GLU A 199 -2.48 -1.69 13.64
CA GLU A 199 -3.74 -1.89 14.34
C GLU A 199 -3.83 -1.02 15.61
N LEU A 200 -2.73 -0.87 16.34
CA LEU A 200 -2.72 0.01 17.50
C LEU A 200 -2.95 1.46 17.09
N CYS A 201 -2.33 1.86 15.99
CA CYS A 201 -2.57 3.20 15.43
C CYS A 201 -4.05 3.40 15.13
N ARG A 202 -4.68 2.43 14.48
CA ARG A 202 -6.09 2.55 14.11
C ARG A 202 -7.00 2.68 15.36
N HIS A 203 -6.76 1.87 16.39
CA HIS A 203 -7.50 1.99 17.64
C HIS A 203 -7.31 3.37 18.28
N THR A 204 -6.06 3.83 18.37
CA THR A 204 -5.78 5.08 19.07
C THR A 204 -6.43 6.26 18.36
N ILE A 205 -6.18 6.39 17.05
CA ILE A 205 -6.74 7.54 16.35
C ILE A 205 -8.25 7.44 16.26
N THR A 206 -8.82 6.22 16.16
CA THR A 206 -10.27 6.08 16.27
C THR A 206 -10.76 6.66 17.59
N ALA A 207 -10.11 6.32 18.71
CA ALA A 207 -10.52 6.87 20.00
C ALA A 207 -10.42 8.39 20.02
N PHE A 208 -9.32 8.94 19.46
CA PHE A 208 -9.17 10.39 19.41
C PHE A 208 -10.32 11.02 18.63
N GLN A 209 -10.68 10.44 17.49
CA GLN A 209 -11.74 11.00 16.66
C GLN A 209 -13.09 10.91 17.35
N LEU A 210 -13.39 9.76 17.98
CA LEU A 210 -14.65 9.61 18.68
C LEU A 210 -14.75 10.60 19.84
N LEU A 211 -13.65 10.82 20.55
CA LEU A 211 -13.65 11.82 21.62
C LEU A 211 -13.90 13.22 21.07
N ASP A 212 -13.38 13.50 19.87
CA ASP A 212 -13.63 14.80 19.25
C ASP A 212 -15.12 15.00 18.98
N PHE A 213 -15.78 13.96 18.43
CA PHE A 213 -17.22 14.01 18.21
C PHE A 213 -17.96 14.33 19.49
N ILE A 214 -17.60 13.68 20.59
CA ILE A 214 -18.30 13.85 21.85
C ILE A 214 -18.05 15.23 22.42
N TRP A 215 -16.77 15.62 22.49
CA TRP A 215 -16.39 16.94 22.98
C TRP A 215 -17.13 18.05 22.23
N ASP A 216 -17.24 17.91 20.89
CA ASP A 216 -17.80 18.95 20.04
C ASP A 216 -19.29 18.76 19.76
N LEU A 217 -19.98 17.94 20.55
CA LEU A 217 -21.36 17.60 20.25
C LEU A 217 -22.25 18.83 20.08
N ARG A 218 -22.16 19.79 21.01
CA ARG A 218 -23.04 20.96 20.97
C ARG A 218 -22.78 21.80 19.72
N GLU A 219 -21.51 22.03 19.41
CA GLU A 219 -21.16 22.81 18.22
C GLU A 219 -21.59 22.10 16.95
N ASP A 220 -21.35 20.79 16.86
CA ASP A 220 -21.75 20.06 15.67
C ASP A 220 -23.27 20.02 15.53
N LEU A 221 -24.00 19.83 16.62
CA LEU A 221 -25.45 19.90 16.54
C LEU A 221 -25.92 21.25 16.03
N ASP A 222 -25.26 22.33 16.46
CA ASP A 222 -25.65 23.66 16.01
C ASP A 222 -25.43 23.83 14.51
N LEU A 223 -24.53 23.04 13.94
CA LEU A 223 -24.26 23.04 12.50
C LEU A 223 -25.14 22.07 11.74
N GLY A 224 -26.08 21.42 12.42
CA GLY A 224 -26.94 20.44 11.77
C GLY A 224 -26.30 19.09 11.50
N ARG A 225 -25.17 18.77 12.13
CA ARG A 225 -24.43 17.54 11.89
C ARG A 225 -24.44 16.68 13.15
N LEU A 226 -24.77 15.40 12.98
CA LEU A 226 -24.77 14.44 14.08
C LEU A 226 -23.78 13.34 13.75
N TYR A 227 -22.72 13.23 14.55
CA TYR A 227 -21.70 12.22 14.35
C TYR A 227 -21.87 11.01 15.25
N LEU A 228 -22.91 10.98 16.07
CA LEU A 228 -23.26 9.76 16.81
C LEU A 228 -24.22 8.94 15.96
N PRO A 229 -23.87 7.71 15.61
CA PRO A 229 -24.75 6.89 14.76
C PRO A 229 -26.17 6.82 15.32
N MET A 230 -27.14 6.92 14.41
CA MET A 230 -28.54 6.90 14.81
C MET A 230 -28.92 5.60 15.52
N GLU A 231 -28.30 4.49 15.12
CA GLU A 231 -28.53 3.22 15.83
C GLU A 231 -28.17 3.33 17.31
N HIS A 232 -27.16 4.11 17.67
CA HIS A 232 -26.83 4.27 19.09
C HIS A 232 -27.92 5.05 19.81
N LEU A 233 -28.35 6.17 19.23
CA LEU A 233 -29.48 6.91 19.78
C LEU A 233 -30.68 6.00 20.00
N ASP A 234 -31.04 5.21 18.98
CA ASP A 234 -32.22 4.34 19.10
C ASP A 234 -32.08 3.39 20.27
N ARG A 235 -30.87 2.86 20.47
CA ARG A 235 -30.62 1.90 21.53
C ARG A 235 -31.01 2.46 22.88
N PHE A 236 -30.84 3.77 23.10
CA PHE A 236 -31.18 4.36 24.38
C PHE A 236 -32.46 5.16 24.34
N GLY A 237 -33.22 5.07 23.25
CA GLY A 237 -34.49 5.77 23.17
C GLY A 237 -34.34 7.28 23.07
N VAL A 238 -33.26 7.75 22.45
CA VAL A 238 -32.97 9.16 22.32
C VAL A 238 -33.20 9.58 20.87
N THR A 239 -33.77 10.76 20.68
CA THR A 239 -33.90 11.34 19.34
C THR A 239 -32.88 12.46 19.12
N ARG A 240 -32.64 12.79 17.85
CA ARG A 240 -31.80 13.95 17.57
C ARG A 240 -32.39 15.20 18.22
N ALA A 241 -33.71 15.35 18.18
CA ALA A 241 -34.34 16.49 18.83
C ALA A 241 -34.04 16.51 20.32
N ASP A 242 -34.05 15.33 20.96
CA ASP A 242 -33.70 15.25 22.38
C ASP A 242 -32.32 15.85 22.63
N LEU A 243 -31.32 15.44 21.85
CA LEU A 243 -29.98 15.98 22.03
C LEU A 243 -29.95 17.47 21.75
N ASP A 244 -30.55 17.89 20.62
CA ASP A 244 -30.53 19.29 20.25
C ASP A 244 -31.08 20.17 21.38
N ARG A 245 -32.11 19.69 22.08
CA ARG A 245 -32.73 20.47 23.14
C ARG A 245 -32.04 20.33 24.48
N GLN A 246 -31.45 19.17 24.79
CA GLN A 246 -30.94 18.97 26.13
C GLN A 246 -29.47 19.37 26.31
N ILE A 247 -28.62 19.14 25.32
CA ILE A 247 -27.21 19.46 25.51
C ILE A 247 -27.07 20.97 25.71
N GLY A 248 -26.44 21.36 26.83
CA GLY A 248 -26.29 22.76 27.16
C GLY A 248 -27.50 23.40 27.81
N SER A 249 -28.52 22.61 28.14
CA SER A 249 -29.77 23.12 28.68
C SER A 249 -29.77 23.26 30.20
N GLY A 250 -28.81 22.65 30.88
CA GLY A 250 -28.79 22.59 32.33
C GLY A 250 -29.18 21.24 32.89
N HIS A 251 -29.87 20.39 32.12
CA HIS A 251 -30.29 19.11 32.63
C HIS A 251 -30.24 18.06 31.52
N LEU A 252 -30.10 16.80 31.93
CA LEU A 252 -30.09 15.66 31.03
C LEU A 252 -31.01 14.59 31.58
N THR A 253 -31.87 14.04 30.72
CA THR A 253 -32.61 12.84 31.11
C THR A 253 -31.66 11.65 31.27
N ASP A 254 -32.12 10.62 31.99
CA ASP A 254 -31.33 9.40 32.13
C ASP A 254 -31.00 8.80 30.77
N ASP A 255 -31.94 8.84 29.83
CA ASP A 255 -31.68 8.26 28.52
C ASP A 255 -30.54 8.97 27.80
N VAL A 256 -30.53 10.32 27.83
CA VAL A 256 -29.48 11.06 27.15
C VAL A 256 -28.14 10.84 27.84
N ARG A 257 -28.12 10.92 29.18
CA ARG A 257 -26.89 10.66 29.93
C ARG A 257 -26.36 9.27 29.64
N GLU A 258 -27.25 8.28 29.55
CA GLU A 258 -26.76 6.92 29.26
C GLU A 258 -26.21 6.79 27.86
N LEU A 259 -26.78 7.51 26.89
CA LEU A 259 -26.19 7.52 25.55
C LEU A 259 -24.79 8.12 25.58
N LEU A 260 -24.62 9.23 26.30
CA LEU A 260 -23.30 9.85 26.39
C LEU A 260 -22.30 8.91 27.07
N ARG A 261 -22.73 8.27 28.17
CA ARG A 261 -21.87 7.31 28.86
C ARG A 261 -21.44 6.19 27.92
N PHE A 262 -22.37 5.72 27.09
CA PHE A 262 -22.07 4.66 26.13
C PHE A 262 -21.02 5.09 25.11
N GLU A 263 -21.17 6.30 24.55
CA GLU A 263 -20.22 6.76 23.53
C GLU A 263 -18.85 7.02 24.14
N ILE A 264 -18.83 7.58 25.35
CA ILE A 264 -17.55 7.79 26.04
C ILE A 264 -16.87 6.45 26.31
N GLY A 265 -17.64 5.45 26.72
CA GLY A 265 -17.08 4.12 26.96
C GLY A 265 -16.54 3.46 25.71
N ARG A 266 -17.20 3.70 24.57
CA ARG A 266 -16.71 3.16 23.31
C ARG A 266 -15.36 3.79 22.95
N ALA A 267 -15.22 5.10 23.16
CA ALA A 267 -13.93 5.74 22.92
C ALA A 267 -12.88 5.22 23.88
N LYS A 268 -13.25 5.05 25.15
CA LYS A 268 -12.29 4.49 26.12
C LYS A 268 -11.81 3.11 25.72
N LYS A 269 -12.71 2.26 25.21
CA LYS A 269 -12.32 0.91 24.84
C LYS A 269 -11.32 0.92 23.69
N HIS A 270 -11.54 1.79 22.69
CA HIS A 270 -10.58 1.91 21.60
C HIS A 270 -9.23 2.42 22.10
N LEU A 271 -9.25 3.40 23.01
CA LEU A 271 -7.97 3.94 23.50
C LEU A 271 -7.20 2.89 24.28
N ASP A 272 -7.89 2.08 25.10
CA ASP A 272 -7.23 1.03 25.85
C ASP A 272 -6.66 -0.03 24.91
N ALA A 273 -7.37 -0.35 23.82
CA ALA A 273 -6.86 -1.32 22.86
C ALA A 273 -5.66 -0.76 22.09
N GLY A 274 -5.61 0.56 21.89
CA GLY A 274 -4.53 1.18 21.14
C GLY A 274 -3.37 1.68 21.96
N ARG A 275 -3.45 1.58 23.29
CA ARG A 275 -2.51 2.23 24.21
C ARG A 275 -1.07 1.73 24.07
N GLY A 276 -0.87 0.52 23.56
CA GLY A 276 0.46 0.02 23.29
C GLY A 276 1.14 0.57 22.04
N TRP A 277 0.46 1.44 21.27
CA TRP A 277 1.05 1.97 20.06
C TRP A 277 2.46 2.54 20.26
N PRO A 278 2.72 3.39 21.27
CA PRO A 278 4.08 3.92 21.42
C PRO A 278 5.15 2.85 21.51
N GLN A 279 4.89 1.77 22.25
CA GLN A 279 5.90 0.73 22.38
C GLN A 279 6.15 -0.01 21.07
N SER A 280 5.20 0.02 20.14
CA SER A 280 5.36 -0.59 18.82
C SER A 280 6.12 0.30 17.83
N LEU A 281 6.53 1.50 18.22
CA LEU A 281 7.22 2.46 17.37
C LEU A 281 8.68 2.62 17.80
N HIS A 282 9.47 3.20 16.90
CA HIS A 282 10.83 3.54 17.26
C HIS A 282 10.85 4.36 18.56
N PRO A 283 11.84 4.16 19.43
CA PRO A 283 11.88 4.95 20.67
C PRO A 283 11.76 6.45 20.46
N THR A 284 12.31 7.01 19.38
CA THR A 284 12.26 8.46 19.17
C THR A 284 10.85 8.96 18.85
N SER A 285 9.90 8.08 18.57
CA SER A 285 8.52 8.46 18.32
C SER A 285 7.62 8.30 19.54
N ARG A 286 8.13 7.72 20.62
CA ARG A 286 7.21 7.28 21.68
C ARG A 286 6.71 8.45 22.52
N THR A 287 7.56 9.43 22.76
CA THR A 287 7.17 10.51 23.67
C THR A 287 6.00 11.30 23.11
N PHE A 288 6.03 11.62 21.81
CA PHE A 288 4.92 12.35 21.24
C PHE A 288 3.62 11.59 21.44
N MET A 289 3.58 10.31 21.08
CA MET A 289 2.29 9.63 21.13
C MET A 289 1.89 9.33 22.57
N GLU A 290 2.87 9.09 23.45
CA GLU A 290 2.56 8.96 24.87
C GLU A 290 1.91 10.22 25.40
N ALA A 291 2.42 11.40 25.02
CA ALA A 291 1.83 12.66 25.46
C ALA A 291 0.43 12.85 24.90
N ASP A 292 0.22 12.47 23.63
CA ASP A 292 -1.09 12.66 23.01
C ASP A 292 -2.12 11.72 23.62
N ILE A 293 -1.76 10.46 23.85
CA ILE A 293 -2.65 9.55 24.56
C ILE A 293 -2.99 10.11 25.94
N GLN A 294 -2.00 10.62 26.66
CA GLN A 294 -2.26 11.14 28.01
C GLN A 294 -3.20 12.33 27.97
N LEU A 295 -3.05 13.20 26.95
CA LEU A 295 -3.96 14.32 26.79
C LEU A 295 -5.39 13.84 26.62
N HIS A 296 -5.58 12.80 25.81
CA HIS A 296 -6.95 12.34 25.58
C HIS A 296 -7.49 11.60 26.81
N ASP A 297 -6.64 10.86 27.53
CA ASP A 297 -7.02 10.33 28.84
C ASP A 297 -7.60 11.42 29.74
N SER A 298 -7.00 12.61 29.72
CA SER A 298 -7.47 13.70 30.59
C SER A 298 -8.82 14.25 30.18
N MET A 299 -9.31 13.92 28.98
CA MET A 299 -10.64 14.40 28.59
C MET A 299 -11.75 13.63 29.30
N PHE A 300 -11.53 12.34 29.62
CA PHE A 300 -12.62 11.55 30.19
C PHE A 300 -13.16 12.12 31.49
N PRO A 301 -12.36 12.44 32.51
CA PRO A 301 -12.96 13.03 33.71
C PRO A 301 -13.61 14.39 33.44
N GLN A 302 -13.06 15.19 32.54
CA GLN A 302 -13.70 16.46 32.20
C GLN A 302 -15.10 16.25 31.63
N LEU A 303 -15.30 15.18 30.85
CA LEU A 303 -16.61 14.96 30.25
C LEU A 303 -17.64 14.51 31.29
N THR A 304 -17.22 13.73 32.28
CA THR A 304 -18.17 13.04 33.15
C THR A 304 -18.30 13.65 34.54
N LYS A 305 -17.33 14.43 34.98
CA LYS A 305 -17.30 14.84 36.38
C LYS A 305 -18.50 15.73 36.71
N ASN A 306 -18.85 15.75 37.99
CA ASN A 306 -19.94 16.59 38.48
C ASN A 306 -21.23 16.30 37.71
N GLY A 307 -21.52 15.02 37.53
CA GLY A 307 -22.75 14.58 36.90
C GLY A 307 -22.92 15.07 35.48
N TYR A 308 -21.86 14.89 34.67
CA TYR A 308 -21.91 15.27 33.26
C TYR A 308 -22.18 16.75 33.07
N ALA A 309 -21.66 17.58 33.98
CA ALA A 309 -21.84 19.02 33.87
C ALA A 309 -21.34 19.55 32.53
N PHE A 310 -20.31 18.91 31.96
CA PHE A 310 -19.79 19.30 30.64
C PHE A 310 -20.90 19.46 29.62
N PHE A 311 -21.89 18.57 29.65
CA PHE A 311 -22.96 18.57 28.66
C PHE A 311 -24.19 19.36 29.10
N LYS A 312 -24.21 19.85 30.35
CA LYS A 312 -25.35 20.62 30.83
C LYS A 312 -25.16 22.11 30.60
N THR A 313 -23.95 22.61 30.80
CA THR A 313 -23.66 24.03 30.70
C THR A 313 -22.91 24.32 29.39
N ALA A 314 -22.74 25.60 29.09
CA ALA A 314 -22.03 26.02 27.89
C ALA A 314 -20.57 25.60 27.94
N ILE A 326 0.15 23.04 28.70
CA ILE A 326 1.45 23.68 28.59
C ILE A 326 2.47 22.90 29.41
N ALA A 327 2.07 22.47 30.61
CA ALA A 327 2.99 21.79 31.50
C ALA A 327 3.34 20.40 30.95
N ARG A 328 2.33 19.65 30.50
CA ARG A 328 2.58 18.32 29.93
C ARG A 328 3.45 18.40 28.68
N THR A 329 3.28 19.47 27.89
CA THR A 329 4.07 19.64 26.68
C THR A 329 5.54 19.90 27.00
N ALA A 330 5.82 20.78 27.98
CA ALA A 330 7.21 21.05 28.33
C ALA A 330 7.90 19.79 28.85
N SER A 331 7.23 19.02 29.71
CA SER A 331 7.83 17.80 30.24
C SER A 331 8.15 16.81 29.11
N ALA A 332 7.22 16.66 28.16
CA ALA A 332 7.42 15.73 27.07
C ALA A 332 8.60 16.16 26.19
N ILE A 333 8.72 17.44 25.90
CA ILE A 333 9.87 17.92 25.15
C ILE A 333 11.16 17.61 25.89
N ALA A 334 11.19 17.81 27.22
CA ALA A 334 12.36 17.47 28.01
C ALA A 334 12.68 15.98 27.90
N ARG A 335 11.67 15.12 28.07
CA ARG A 335 11.92 13.68 27.96
C ARG A 335 12.38 13.30 26.56
N ALA A 336 11.78 13.93 25.53
CA ALA A 336 12.11 13.55 24.16
C ALA A 336 13.55 13.93 23.82
N ARG A 337 14.02 15.06 24.35
CA ARG A 337 15.39 15.49 24.07
C ARG A 337 16.39 14.50 24.65
N LYS A 338 16.10 13.95 25.84
CA LYS A 338 16.98 12.91 26.36
C LYS A 338 16.95 11.67 25.49
N ILE A 339 15.76 11.18 25.15
CA ILE A 339 15.64 9.96 24.35
C ILE A 339 16.26 10.13 22.98
N ASN A 340 16.03 11.27 22.33
CA ASN A 340 16.53 11.46 20.97
C ASN A 340 18.06 11.49 20.95
N GLN A 341 18.68 12.18 21.92
CA GLN A 341 20.13 12.21 21.98
C GLN A 341 20.69 10.84 22.31
N GLN A 342 20.04 10.10 23.22
CA GLN A 342 20.43 8.70 23.44
C GLN A 342 20.44 7.94 22.14
N ALA A 343 19.36 8.05 21.35
CA ALA A 343 19.26 7.28 20.12
C ALA A 343 20.34 7.68 19.12
N ILE A 344 20.65 8.98 19.05
CA ILE A 344 21.73 9.44 18.19
C ILE A 344 23.06 8.84 18.62
N ARG A 345 23.35 8.89 19.93
CA ARG A 345 24.58 8.29 20.43
C ARG A 345 24.62 6.78 20.18
N GLY A 346 23.46 6.14 19.96
CA GLY A 346 23.36 4.75 19.57
C GLY A 346 23.37 4.48 18.09
N GLY A 347 23.61 5.51 17.26
CA GLY A 347 23.67 5.32 15.82
C GLY A 347 22.42 5.64 15.06
N TYR A 348 21.37 6.14 15.71
CA TYR A 348 20.12 6.43 15.00
C TYR A 348 20.31 7.59 14.03
N ARG A 349 19.75 7.44 12.83
CA ARG A 349 19.75 8.58 11.90
C ARG A 349 18.48 8.54 11.06
N VAL A 350 17.93 9.73 10.80
CA VAL A 350 16.77 9.83 9.92
C VAL A 350 17.20 9.49 8.50
N ARG A 351 16.31 8.83 7.77
CA ARG A 351 16.60 8.42 6.41
C ARG A 351 16.90 9.62 5.51
N ALA A 352 17.58 9.34 4.40
CA ALA A 352 17.91 10.40 3.45
C ALA A 352 16.65 10.83 2.69
N PRO A 353 16.60 12.08 2.25
CA PRO A 353 15.40 12.57 1.55
C PRO A 353 15.27 11.98 0.16
N PHE A 354 14.04 11.97 -0.33
CA PHE A 354 13.80 11.66 -1.74
C PHE A 354 14.46 12.73 -2.61
N GLN A 355 15.13 12.30 -3.66
CA GLN A 355 15.76 13.24 -4.59
C GLN A 355 15.91 12.61 -5.97
N THR B 23 25.23 -1.26 -10.83
CA THR B 23 24.47 -0.82 -11.99
C THR B 23 24.38 -1.88 -13.07
N ILE B 24 23.37 -1.74 -13.95
CA ILE B 24 23.23 -2.65 -15.08
C ILE B 24 24.50 -2.69 -15.91
N VAL B 25 25.17 -1.53 -16.04
CA VAL B 25 26.38 -1.48 -16.87
C VAL B 25 27.45 -2.42 -16.32
N GLN B 26 27.67 -2.38 -15.00
CA GLN B 26 28.65 -3.27 -14.38
C GLN B 26 28.17 -4.72 -14.41
N GLU B 27 26.86 -4.95 -14.32
CA GLU B 27 26.34 -6.31 -14.40
C GLU B 27 26.53 -6.89 -15.79
N LEU B 28 26.26 -6.08 -16.84
CA LEU B 28 26.51 -6.53 -18.20
C LEU B 28 27.99 -6.83 -18.43
N ASP B 29 28.87 -6.00 -17.86
CA ASP B 29 30.30 -6.28 -17.94
C ASP B 29 30.62 -7.64 -17.34
N GLN B 30 30.09 -7.91 -16.14
CA GLN B 30 30.40 -9.16 -15.45
C GLN B 30 29.79 -10.36 -16.16
N ALA B 31 28.65 -10.19 -16.83
CA ALA B 31 28.10 -11.27 -17.63
C ALA B 31 28.86 -11.50 -18.93
N GLY B 32 29.73 -10.56 -19.33
CA GLY B 32 30.46 -10.73 -20.56
C GLY B 32 29.69 -10.37 -21.81
N ILE B 33 28.63 -9.57 -21.68
CA ILE B 33 27.80 -9.18 -22.82
C ILE B 33 28.38 -7.86 -23.35
N THR B 34 29.04 -7.92 -24.50
CA THR B 34 29.84 -6.79 -24.98
C THR B 34 29.27 -6.12 -26.22
N ASP B 35 28.33 -6.74 -26.94
CA ASP B 35 27.78 -6.13 -28.14
C ASP B 35 26.99 -4.88 -27.76
N SER B 36 27.39 -3.72 -28.29
CA SER B 36 26.79 -2.47 -27.82
C SER B 36 25.28 -2.42 -28.05
N GLY B 37 24.80 -3.01 -29.15
CA GLY B 37 23.35 -3.01 -29.39
C GLY B 37 22.60 -3.93 -28.43
N LEU B 38 23.13 -5.12 -28.20
CA LEU B 38 22.52 -6.01 -27.21
C LEU B 38 22.55 -5.39 -25.82
N ARG B 39 23.67 -4.76 -25.46
CA ARG B 39 23.73 -4.06 -24.17
C ARG B 39 22.63 -3.01 -24.07
N ALA B 40 22.41 -2.23 -25.13
CA ALA B 40 21.35 -1.21 -25.07
C ALA B 40 19.99 -1.84 -24.84
N ASP B 41 19.73 -3.02 -25.44
CA ASP B 41 18.45 -3.70 -25.22
C ASP B 41 18.32 -4.18 -23.78
N TYR B 42 19.38 -4.72 -23.19
CA TYR B 42 19.26 -5.12 -21.79
C TYR B 42 19.06 -3.90 -20.90
N ILE B 43 19.63 -2.75 -21.27
CA ILE B 43 19.41 -1.53 -20.50
C ILE B 43 17.95 -1.10 -20.60
N THR B 44 17.41 -1.08 -21.82
CA THR B 44 16.00 -0.77 -22.03
C THR B 44 15.10 -1.68 -21.22
N VAL B 45 15.37 -2.99 -21.27
CA VAL B 45 14.49 -3.92 -20.57
C VAL B 45 14.61 -3.75 -19.06
N SER B 46 15.81 -3.41 -18.58
CA SER B 46 15.93 -3.20 -17.13
C SER B 46 15.14 -1.97 -16.69
N ARG B 47 15.14 -0.91 -17.50
CA ARG B 47 14.34 0.27 -17.18
C ARG B 47 12.85 -0.06 -17.21
N LEU B 48 12.42 -0.84 -18.19
CA LEU B 48 11.03 -1.31 -18.25
C LEU B 48 10.66 -2.13 -17.01
N PHE B 49 11.52 -3.10 -16.64
CA PHE B 49 11.28 -3.91 -15.44
C PHE B 49 10.99 -3.02 -14.23
N ARG B 50 11.82 -2.00 -14.02
CA ARG B 50 11.67 -1.13 -12.85
C ARG B 50 10.31 -0.43 -12.88
N GLU B 51 9.88 0.01 -14.07
CA GLU B 51 8.63 0.74 -14.20
C GLU B 51 7.42 -0.18 -14.10
N ILE B 52 7.48 -1.33 -14.80
CA ILE B 52 6.39 -2.30 -14.73
C ILE B 52 6.30 -2.97 -13.38
N GLY B 53 7.32 -2.82 -12.53
CA GLY B 53 7.29 -3.44 -11.22
C GLY B 53 7.20 -2.42 -10.11
N ARG B 54 8.13 -2.54 -9.14
CA ARG B 54 8.16 -1.66 -7.98
C ARG B 54 9.12 -2.28 -6.97
N GLY B 55 8.59 -2.95 -5.96
CA GLY B 55 9.42 -3.82 -5.16
C GLY B 55 9.82 -5.09 -5.88
N ARG B 56 9.07 -5.48 -6.92
CA ARG B 56 9.41 -6.68 -7.69
C ARG B 56 10.78 -6.54 -8.34
N TYR B 57 11.09 -5.35 -8.87
CA TYR B 57 12.41 -5.09 -9.44
C TYR B 57 13.51 -5.49 -8.48
N LEU B 58 13.29 -5.30 -7.18
CA LEU B 58 14.34 -5.48 -6.19
C LEU B 58 14.79 -6.93 -6.07
N GLY B 59 13.94 -7.88 -6.45
CA GLY B 59 14.33 -9.28 -6.44
C GLY B 59 15.59 -9.55 -7.25
N ARG B 60 15.85 -8.72 -8.26
CA ARG B 60 17.05 -8.92 -9.07
C ARG B 60 18.30 -8.86 -8.22
N TYR B 61 18.30 -8.03 -7.17
CA TYR B 61 19.50 -7.90 -6.37
C TYR B 61 19.76 -9.10 -5.47
N MET B 62 18.85 -10.09 -5.45
CA MET B 62 19.10 -11.31 -4.70
C MET B 62 19.86 -12.34 -5.51
N PHE B 63 20.14 -12.05 -6.78
CA PHE B 63 20.91 -12.93 -7.67
C PHE B 63 22.31 -12.38 -7.90
N PRO B 64 23.26 -13.24 -8.25
CA PRO B 64 24.59 -12.76 -8.63
C PRO B 64 24.51 -11.72 -9.74
N ALA B 65 25.38 -10.72 -9.65
CA ALA B 65 25.34 -9.61 -10.60
C ALA B 65 25.27 -10.09 -12.05
N ALA B 66 26.10 -11.07 -12.41
CA ALA B 66 26.19 -11.52 -13.80
C ALA B 66 24.93 -12.19 -14.28
N LYS B 67 24.08 -12.67 -13.36
CA LYS B 67 22.83 -13.28 -13.75
C LYS B 67 21.69 -12.27 -13.92
N ARG B 68 21.86 -11.04 -13.42
CA ARG B 68 20.73 -10.13 -13.38
C ARG B 68 20.20 -9.74 -14.76
N PRO B 69 21.06 -9.50 -15.76
CA PRO B 69 20.53 -9.23 -17.11
C PRO B 69 19.55 -10.30 -17.58
N TYR B 70 19.84 -11.58 -17.30
CA TYR B 70 18.94 -12.65 -17.75
C TYR B 70 17.65 -12.67 -16.94
N PHE B 71 17.76 -12.50 -15.62
CA PHE B 71 16.57 -12.36 -14.78
C PHE B 71 15.67 -11.23 -15.30
N ASP B 72 16.26 -10.05 -15.50
CA ASP B 72 15.53 -8.89 -16.03
C ASP B 72 14.82 -9.24 -17.34
N ALA B 73 15.57 -9.82 -18.28
CA ALA B 73 14.98 -10.07 -19.60
C ALA B 73 13.82 -11.05 -19.49
N PHE B 74 13.95 -12.06 -18.64
CA PHE B 74 12.90 -13.08 -18.59
C PHE B 74 11.66 -12.58 -17.84
N ILE B 75 11.87 -11.95 -16.68
CA ILE B 75 10.74 -11.39 -15.93
C ILE B 75 10.01 -10.36 -16.78
N THR B 76 10.75 -9.47 -17.45
CA THR B 76 10.11 -8.43 -18.24
C THR B 76 9.31 -9.03 -19.39
N PHE B 77 9.84 -10.07 -20.05
CA PHE B 77 9.08 -10.75 -21.09
C PHE B 77 7.72 -11.21 -20.59
N VAL B 78 7.69 -11.92 -19.46
CA VAL B 78 6.44 -12.46 -18.94
C VAL B 78 5.51 -11.32 -18.53
N ALA B 79 6.04 -10.34 -17.80
CA ALA B 79 5.20 -9.24 -17.32
C ALA B 79 4.72 -8.37 -18.47
N TYR B 80 5.58 -8.14 -19.46
CA TYR B 80 5.22 -7.29 -20.59
C TYR B 80 4.10 -7.91 -21.41
N VAL B 81 4.23 -9.20 -21.76
CA VAL B 81 3.19 -9.86 -22.55
C VAL B 81 1.91 -9.98 -21.74
N ASP B 82 2.02 -10.31 -20.46
CA ASP B 82 0.81 -10.39 -19.63
C ASP B 82 0.09 -9.05 -19.56
N ASN B 83 0.86 -7.94 -19.61
CA ASN B 83 0.28 -6.59 -19.61
C ASN B 83 -0.47 -6.27 -20.89
N LEU B 84 0.02 -6.77 -22.04
CA LEU B 84 -0.73 -6.61 -23.29
C LEU B 84 -2.11 -7.23 -23.15
N THR B 85 -2.20 -8.39 -22.51
CA THR B 85 -3.47 -9.08 -22.31
C THR B 85 -4.35 -8.35 -21.30
N ASP B 86 -3.74 -7.69 -20.32
CA ASP B 86 -4.44 -7.11 -19.19
C ASP B 86 -4.77 -5.64 -19.36
N ASP B 87 -4.46 -5.06 -20.52
CA ASP B 87 -4.67 -3.64 -20.78
C ASP B 87 -6.16 -3.35 -20.94
N ILE B 88 -6.83 -3.14 -19.81
CA ILE B 88 -8.28 -2.98 -19.81
C ILE B 88 -8.75 -1.72 -20.53
N LYS B 89 -7.84 -0.79 -20.84
CA LYS B 89 -8.24 0.38 -21.60
C LYS B 89 -8.86 -0.02 -22.94
N HIS B 90 -8.35 -1.08 -23.57
CA HIS B 90 -8.61 -1.36 -24.97
C HIS B 90 -9.40 -2.66 -25.15
N SER B 91 -10.00 -2.78 -26.33
CA SER B 91 -10.87 -3.90 -26.64
C SER B 91 -10.07 -5.19 -26.76
N VAL B 92 -10.80 -6.30 -26.67
CA VAL B 92 -10.16 -7.60 -26.87
C VAL B 92 -9.47 -7.64 -28.23
N GLU B 93 -10.09 -7.03 -29.25
CA GLU B 93 -9.53 -7.04 -30.61
C GLU B 93 -8.21 -6.28 -30.68
N VAL B 94 -8.17 -5.09 -30.08
CA VAL B 94 -6.93 -4.33 -30.02
C VAL B 94 -5.85 -5.06 -29.23
N ARG B 95 -6.22 -5.69 -28.12
CA ARG B 95 -5.20 -6.39 -27.35
C ARG B 95 -4.68 -7.59 -28.13
N ALA B 96 -5.56 -8.30 -28.85
CA ALA B 96 -5.11 -9.37 -29.73
C ALA B 96 -4.14 -8.85 -30.78
N ARG B 97 -4.41 -7.67 -31.35
CA ARG B 97 -3.48 -7.10 -32.34
C ARG B 97 -2.11 -6.84 -31.72
N ARG B 98 -2.06 -6.32 -30.49
CA ARG B 98 -0.78 -6.08 -29.82
C ARG B 98 -0.03 -7.39 -29.58
N LEU B 99 -0.75 -8.43 -29.15
CA LEU B 99 -0.10 -9.74 -29.00
C LEU B 99 0.48 -10.20 -30.32
N ASP B 100 -0.28 -10.02 -31.42
CA ASP B 100 0.21 -10.38 -32.74
C ASP B 100 1.45 -9.60 -33.13
N GLU B 101 1.45 -8.28 -32.86
CA GLU B 101 2.61 -7.44 -33.18
C GLU B 101 3.85 -7.91 -32.42
N TRP B 102 3.71 -8.11 -31.11
CA TRP B 102 4.87 -8.56 -30.35
C TRP B 102 5.36 -9.90 -30.85
N GLU B 103 4.44 -10.84 -31.09
CA GLU B 103 4.84 -12.17 -31.55
C GLU B 103 5.54 -12.10 -32.92
N ARG B 104 5.01 -11.29 -33.85
CA ARG B 104 5.65 -11.18 -35.16
C ARG B 104 7.04 -10.60 -35.03
N THR B 105 7.21 -9.59 -34.17
CA THR B 105 8.52 -9.02 -33.91
C THR B 105 9.44 -10.05 -33.26
N TYR B 106 8.94 -10.79 -32.28
CA TYR B 106 9.76 -11.80 -31.63
C TYR B 106 10.27 -12.82 -32.64
N LEU B 107 9.38 -13.36 -33.48
CA LEU B 107 9.81 -14.41 -34.42
C LEU B 107 10.80 -13.88 -35.44
N ALA B 108 10.63 -12.63 -35.87
CA ALA B 108 11.60 -12.03 -36.81
C ALA B 108 12.98 -11.98 -36.18
N VAL B 109 13.08 -11.46 -34.95
CA VAL B 109 14.35 -11.46 -34.23
C VAL B 109 14.89 -12.87 -34.07
N ALA B 110 14.03 -13.81 -33.67
CA ALA B 110 14.50 -15.16 -33.35
C ALA B 110 15.07 -15.85 -34.58
N LYS B 111 14.48 -15.61 -35.75
CA LYS B 111 14.90 -16.26 -36.98
C LYS B 111 16.02 -15.53 -37.70
N GLY B 112 16.38 -14.33 -37.25
CA GLY B 112 17.38 -13.53 -37.94
C GLY B 112 16.84 -12.63 -39.03
N ASP B 113 15.53 -12.45 -39.12
CA ASP B 113 14.95 -11.50 -40.08
C ASP B 113 15.47 -10.09 -39.81
N ARG B 119 9.36 2.78 -41.95
CA ARG B 119 8.61 3.88 -41.39
C ARG B 119 8.94 4.10 -39.91
N PRO B 120 8.64 5.28 -39.40
CA PRO B 120 8.91 5.58 -37.98
C PRO B 120 8.25 4.57 -37.07
N LEU B 121 8.97 4.18 -36.02
CA LEU B 121 8.49 3.21 -35.05
C LEU B 121 7.79 3.90 -33.89
N SER B 122 6.61 3.41 -33.52
CA SER B 122 5.99 3.89 -32.30
C SER B 122 6.79 3.39 -31.09
N ARG B 123 6.51 3.97 -29.93
CA ARG B 123 7.20 3.55 -28.72
C ARG B 123 6.94 2.08 -28.42
N SER B 124 5.71 1.61 -28.61
CA SER B 124 5.42 0.21 -28.31
C SER B 124 6.20 -0.71 -29.25
N GLU B 125 6.36 -0.32 -30.51
CA GLU B 125 7.14 -1.14 -31.44
C GLU B 125 8.61 -1.16 -31.06
N GLN B 126 9.14 -0.03 -30.60
CA GLN B 126 10.52 -0.01 -30.11
C GLN B 126 10.68 -0.90 -28.89
N THR B 127 9.74 -0.84 -27.95
CA THR B 127 9.89 -1.67 -26.76
C THR B 127 9.65 -3.15 -27.08
N ASP B 128 8.68 -3.45 -27.95
CA ASP B 128 8.52 -4.83 -28.45
C ASP B 128 9.86 -5.40 -28.89
N ALA B 129 10.62 -4.63 -29.68
CA ALA B 129 11.84 -5.14 -30.29
C ALA B 129 12.93 -5.32 -29.25
N ALA B 130 13.04 -4.36 -28.32
CA ALA B 130 14.05 -4.48 -27.27
C ALA B 130 13.76 -5.69 -26.37
N VAL B 131 12.51 -5.86 -25.96
CA VAL B 131 12.13 -7.03 -25.17
C VAL B 131 12.47 -8.31 -25.94
N ALA B 132 12.16 -8.35 -27.25
CA ALA B 132 12.39 -9.56 -28.04
C ALA B 132 13.88 -9.88 -28.16
N ARG B 133 14.70 -8.87 -28.48
CA ARG B 133 16.12 -9.15 -28.70
C ARG B 133 16.80 -9.61 -27.42
N ALA B 134 16.52 -8.93 -26.30
CA ALA B 134 17.07 -9.36 -25.01
C ALA B 134 16.58 -10.76 -24.65
N LEU B 135 15.30 -11.03 -24.89
CA LEU B 135 14.76 -12.34 -24.56
C LEU B 135 15.40 -13.44 -25.39
N VAL B 136 15.51 -13.25 -26.72
CA VAL B 136 16.13 -14.29 -27.53
C VAL B 136 17.51 -14.61 -26.99
N HIS B 137 18.30 -13.58 -26.73
CA HIS B 137 19.64 -13.81 -26.21
C HIS B 137 19.61 -14.58 -24.90
N THR B 138 18.72 -14.17 -23.99
CA THR B 138 18.63 -14.85 -22.70
C THR B 138 18.24 -16.33 -22.89
N LEU B 139 17.21 -16.58 -23.69
CA LEU B 139 16.75 -17.95 -23.85
C LEU B 139 17.85 -18.83 -24.47
N ARG B 140 18.54 -18.31 -25.48
CA ARG B 140 19.56 -19.13 -26.12
C ARG B 140 20.78 -19.32 -25.23
N THR B 141 21.13 -18.30 -24.43
CA THR B 141 22.21 -18.46 -23.46
C THR B 141 21.92 -19.64 -22.52
N TRP B 142 20.66 -19.81 -22.11
CA TRP B 142 20.29 -20.83 -21.13
C TRP B 142 19.72 -22.10 -21.78
N ASP B 143 19.91 -22.29 -23.08
CA ASP B 143 19.53 -23.53 -23.78
C ASP B 143 18.03 -23.79 -23.68
N LEU B 144 17.24 -22.72 -23.64
CA LEU B 144 15.79 -22.82 -23.54
C LEU B 144 15.16 -22.79 -24.92
N PRO B 145 13.95 -23.30 -25.05
CA PRO B 145 13.35 -23.52 -26.38
C PRO B 145 12.73 -22.24 -26.95
N TYR B 146 13.61 -21.36 -27.46
CA TYR B 146 13.19 -20.01 -27.82
C TYR B 146 12.17 -20.00 -28.95
N LEU B 147 12.16 -21.04 -29.79
CA LEU B 147 11.16 -21.06 -30.86
C LEU B 147 9.78 -21.49 -30.38
N ARG B 148 9.63 -21.83 -29.08
CA ARG B 148 8.35 -22.21 -28.51
C ARG B 148 7.67 -21.07 -27.75
N VAL B 149 8.26 -19.88 -27.77
CA VAL B 149 7.65 -18.70 -27.11
C VAL B 149 6.24 -18.49 -27.63
N PRO B 150 5.94 -18.76 -28.91
CA PRO B 150 4.55 -18.61 -29.37
C PRO B 150 3.52 -19.45 -28.62
N GLU B 151 3.91 -20.57 -27.97
CA GLU B 151 2.94 -21.31 -27.15
C GLU B 151 2.43 -20.45 -25.99
N PHE B 152 3.33 -19.67 -25.40
CA PHE B 152 2.93 -18.75 -24.34
C PHE B 152 2.04 -17.62 -24.87
N VAL B 153 2.37 -17.07 -26.06
CA VAL B 153 1.50 -16.04 -26.61
C VAL B 153 0.12 -16.62 -26.89
N ASP B 154 0.06 -17.84 -27.46
CA ASP B 154 -1.20 -18.54 -27.67
C ASP B 154 -2.00 -18.66 -26.38
N GLY B 155 -1.34 -19.00 -25.27
CA GLY B 155 -2.07 -19.11 -24.01
C GLY B 155 -2.67 -17.77 -23.61
N ASN B 156 -1.93 -16.68 -23.86
CA ASN B 156 -2.42 -15.35 -23.55
C ASN B 156 -3.57 -14.95 -24.46
N ARG B 157 -3.49 -15.31 -25.74
CA ARG B 157 -4.59 -15.04 -26.65
C ARG B 157 -5.87 -15.75 -26.19
N LYS B 158 -5.77 -17.00 -25.74
CA LYS B 158 -6.94 -17.71 -25.25
C LYS B 158 -7.47 -17.10 -23.94
N ALA B 159 -6.57 -16.71 -23.04
CA ALA B 159 -6.98 -16.11 -21.77
C ALA B 159 -7.71 -14.79 -21.99
N LEU B 160 -7.20 -14.00 -22.93
CA LEU B 160 -7.83 -12.73 -23.31
C LEU B 160 -9.31 -12.90 -23.64
N THR B 161 -9.69 -14.02 -24.25
CA THR B 161 -11.05 -14.27 -24.71
C THR B 161 -11.85 -15.16 -23.76
N THR B 162 -11.34 -15.46 -22.57
CA THR B 162 -11.98 -16.39 -21.65
C THR B 162 -12.38 -15.64 -20.38
N TYR B 163 -13.66 -15.69 -20.03
CA TYR B 163 -14.19 -14.94 -18.88
C TYR B 163 -14.67 -15.83 -17.74
N GLU B 164 -14.63 -17.14 -17.92
CA GLU B 164 -15.16 -18.07 -16.95
C GLU B 164 -14.50 -19.41 -17.20
N TYR B 165 -14.39 -20.21 -16.15
CA TYR B 165 -13.76 -21.53 -16.22
C TYR B 165 -14.71 -22.56 -15.60
N ALA B 166 -15.03 -23.61 -16.34
CA ALA B 166 -16.10 -24.50 -15.89
C ALA B 166 -15.68 -25.35 -14.69
N ASN B 167 -14.45 -25.84 -14.70
CA ASN B 167 -13.97 -26.76 -13.68
C ASN B 167 -12.46 -26.69 -13.62
N ASP B 168 -11.88 -27.50 -12.73
CA ASP B 168 -10.43 -27.55 -12.61
C ASP B 168 -9.76 -27.87 -13.94
N GLU B 169 -10.38 -28.72 -14.78
CA GLU B 169 -9.74 -29.08 -16.04
C GLU B 169 -9.59 -27.88 -16.96
N ALA B 170 -10.62 -27.02 -17.00
CA ALA B 170 -10.56 -25.83 -17.85
C ALA B 170 -9.54 -24.83 -17.35
N LEU B 171 -9.50 -24.62 -16.02
CA LEU B 171 -8.51 -23.71 -15.45
C LEU B 171 -7.09 -24.21 -15.71
N ASP B 172 -6.89 -25.52 -15.72
CA ASP B 172 -5.55 -26.06 -15.96
C ASP B 172 -5.01 -25.66 -17.33
N GLU B 173 -5.89 -25.44 -18.31
CA GLU B 173 -5.42 -24.97 -19.62
C GLU B 173 -4.71 -23.63 -19.50
N PHE B 174 -5.32 -22.70 -18.74
CA PHE B 174 -4.67 -21.43 -18.47
C PHE B 174 -3.40 -21.63 -17.66
N LEU B 175 -3.48 -22.43 -16.59
CA LEU B 175 -2.31 -22.60 -15.73
C LEU B 175 -1.14 -23.23 -16.47
N GLU B 176 -1.41 -24.21 -17.34
CA GLU B 176 -0.30 -24.88 -18.03
C GLU B 176 0.44 -23.92 -18.95
N THR B 177 -0.30 -23.11 -19.72
CA THR B 177 0.33 -22.32 -20.78
CA THR B 177 0.34 -22.33 -20.78
C THR B 177 0.74 -20.92 -20.34
N VAL B 178 -0.14 -20.21 -19.64
CA VAL B 178 0.17 -18.85 -19.26
C VAL B 178 1.07 -18.82 -18.02
N THR B 179 0.81 -19.67 -17.05
CA THR B 179 1.50 -19.63 -15.76
C THR B 179 2.77 -20.49 -15.74
N LEU B 180 2.62 -21.77 -16.05
CA LEU B 180 3.67 -22.75 -15.74
C LEU B 180 4.67 -22.98 -16.86
N LEU B 181 4.30 -22.72 -18.12
CA LEU B 181 5.29 -22.79 -19.18
C LEU B 181 6.46 -21.83 -18.95
N PRO B 182 6.26 -20.52 -18.73
CA PRO B 182 7.42 -19.67 -18.41
C PRO B 182 8.07 -20.02 -17.10
N ALA B 183 7.30 -20.53 -16.11
CA ALA B 183 7.89 -20.89 -14.83
C ALA B 183 8.92 -22.01 -14.97
N VAL B 184 8.60 -23.04 -15.75
CA VAL B 184 9.58 -24.11 -15.88
C VAL B 184 10.78 -23.68 -16.72
N TRP B 185 10.62 -22.68 -17.59
CA TRP B 185 11.76 -22.11 -18.28
C TRP B 185 12.67 -21.34 -17.32
N ILE B 186 12.11 -20.45 -16.47
CA ILE B 186 13.00 -19.70 -15.58
C ILE B 186 13.64 -20.62 -14.55
N ASN B 187 12.96 -21.72 -14.20
CA ASN B 187 13.56 -22.71 -13.31
C ASN B 187 14.94 -23.11 -13.80
N GLN B 188 15.13 -23.20 -15.12
CA GLN B 188 16.45 -23.53 -15.67
C GLN B 188 17.46 -22.44 -15.38
N ILE B 189 17.03 -21.16 -15.45
CA ILE B 189 17.94 -20.05 -15.17
C ILE B 189 18.35 -20.05 -13.70
N PHE B 190 17.48 -20.57 -12.82
CA PHE B 190 17.79 -20.74 -11.40
C PHE B 190 18.82 -21.84 -11.13
N GLU B 191 19.20 -22.64 -12.14
CA GLU B 191 20.21 -23.69 -12.05
C GLU B 191 19.78 -24.81 -11.11
N PRO B 192 18.85 -25.66 -11.54
CA PRO B 192 18.33 -26.70 -10.64
C PRO B 192 19.38 -27.78 -10.37
N ARG B 193 19.31 -28.33 -9.15
CA ARG B 193 20.25 -29.36 -8.75
C ARG B 193 19.83 -30.77 -9.17
N SER B 194 18.54 -30.97 -9.46
CA SER B 194 17.99 -32.28 -9.86
C SER B 194 16.69 -32.05 -10.61
N ALA B 195 16.14 -33.15 -11.13
CA ALA B 195 14.88 -33.08 -11.88
C ALA B 195 13.67 -32.77 -10.98
N GLU B 196 13.81 -32.96 -9.67
CA GLU B 196 12.70 -32.65 -8.78
C GLU B 196 12.39 -31.16 -8.74
N ALA B 197 13.36 -30.30 -9.07
CA ALA B 197 13.10 -28.86 -8.95
C ALA B 197 11.92 -28.43 -9.81
N GLU B 198 11.76 -29.03 -10.99
CA GLU B 198 10.65 -28.62 -11.87
C GLU B 198 9.29 -28.94 -11.25
N GLU B 199 9.18 -30.06 -10.52
CA GLU B 199 7.90 -30.35 -9.87
C GLU B 199 7.62 -29.37 -8.74
N LEU B 200 8.64 -29.04 -7.94
CA LEU B 200 8.46 -28.06 -6.87
C LEU B 200 8.15 -26.66 -7.41
N CYS B 201 8.80 -26.30 -8.52
CA CYS B 201 8.48 -25.08 -9.26
C CYS B 201 7.00 -25.04 -9.64
N ARG B 202 6.49 -26.13 -10.23
CA ARG B 202 5.10 -26.14 -10.67
C ARG B 202 4.15 -25.97 -9.48
N HIS B 203 4.41 -26.66 -8.37
CA HIS B 203 3.54 -26.50 -7.21
C HIS B 203 3.60 -25.08 -6.67
N THR B 204 4.81 -24.53 -6.52
CA THR B 204 4.96 -23.21 -5.92
C THR B 204 4.29 -22.14 -6.77
N ILE B 205 4.57 -22.13 -8.08
CA ILE B 205 4.01 -21.07 -8.91
C ILE B 205 2.51 -21.26 -9.08
N THR B 206 2.03 -22.51 -9.13
CA THR B 206 0.58 -22.71 -9.08
C THR B 206 -0.02 -22.04 -7.85
N ALA B 207 0.59 -22.24 -6.69
CA ALA B 207 0.10 -21.59 -5.47
C ALA B 207 0.12 -20.06 -5.61
N PHE B 208 1.21 -19.51 -6.12
CA PHE B 208 1.29 -18.05 -6.29
C PHE B 208 0.15 -17.56 -7.17
N GLN B 209 -0.09 -18.26 -8.28
CA GLN B 209 -1.14 -17.85 -9.22
C GLN B 209 -2.52 -17.98 -8.60
N LEU B 210 -2.79 -19.08 -7.90
CA LEU B 210 -4.09 -19.22 -7.24
C LEU B 210 -4.28 -18.11 -6.21
N LEU B 211 -3.23 -17.76 -5.48
CA LEU B 211 -3.33 -16.67 -4.52
C LEU B 211 -3.58 -15.35 -5.23
N ASP B 212 -2.97 -15.15 -6.40
CA ASP B 212 -3.24 -13.93 -7.15
C ASP B 212 -4.71 -13.84 -7.53
N PHE B 213 -5.30 -14.95 -7.99
CA PHE B 213 -6.73 -14.97 -8.28
C PHE B 213 -7.55 -14.54 -7.06
N ILE B 214 -7.21 -15.07 -5.89
CA ILE B 214 -7.98 -14.75 -4.68
C ILE B 214 -7.76 -13.28 -4.28
N TRP B 215 -6.50 -12.87 -4.24
CA TRP B 215 -6.15 -11.49 -3.88
C TRP B 215 -6.84 -10.48 -4.78
N ASP B 216 -6.92 -10.76 -6.08
CA ASP B 216 -7.45 -9.83 -7.07
C ASP B 216 -8.92 -10.07 -7.38
N LEU B 217 -9.62 -10.83 -6.53
CA LEU B 217 -10.99 -11.25 -6.86
C LEU B 217 -11.89 -10.07 -7.20
N ARG B 218 -11.88 -9.03 -6.36
CA ARG B 218 -12.82 -7.93 -6.60
C ARG B 218 -12.49 -7.21 -7.89
N GLU B 219 -11.20 -6.97 -8.14
CA GLU B 219 -10.79 -6.29 -9.36
C GLU B 219 -11.13 -7.13 -10.60
N ASP B 220 -10.91 -8.44 -10.54
CA ASP B 220 -11.21 -9.28 -11.69
C ASP B 220 -12.73 -9.33 -11.96
N LEU B 221 -13.54 -9.45 -10.91
CA LEU B 221 -14.98 -9.44 -11.09
C LEU B 221 -15.46 -8.13 -11.70
N ASP B 222 -14.80 -7.01 -11.34
CA ASP B 222 -15.12 -5.72 -11.93
C ASP B 222 -14.92 -5.73 -13.44
N LEU B 223 -13.93 -6.47 -13.93
CA LEU B 223 -13.68 -6.62 -15.35
C LEU B 223 -14.46 -7.77 -15.97
N GLY B 224 -15.37 -8.39 -15.22
CA GLY B 224 -16.17 -9.47 -15.77
C GLY B 224 -15.43 -10.79 -15.92
N ARG B 225 -14.33 -10.99 -15.19
CA ARG B 225 -13.55 -12.22 -15.26
C ARG B 225 -13.62 -12.97 -13.92
N LEU B 226 -13.94 -14.26 -13.99
CA LEU B 226 -14.00 -15.13 -12.82
C LEU B 226 -12.97 -16.24 -12.97
N TYR B 227 -11.93 -16.23 -12.12
CA TYR B 227 -10.89 -17.25 -12.15
C TYR B 227 -11.10 -18.35 -11.12
N LEU B 228 -12.21 -18.31 -10.39
CA LEU B 228 -12.61 -19.44 -9.56
C LEU B 228 -13.50 -20.36 -10.39
N PRO B 229 -13.14 -21.62 -10.59
CA PRO B 229 -13.97 -22.52 -11.38
C PRO B 229 -15.42 -22.55 -10.90
N MET B 230 -16.34 -22.55 -11.88
CA MET B 230 -17.78 -22.56 -11.58
C MET B 230 -18.20 -23.79 -10.78
N GLU B 231 -17.54 -24.93 -11.01
CA GLU B 231 -17.85 -26.11 -10.21
C GLU B 231 -17.59 -25.85 -8.73
N HIS B 232 -16.56 -25.06 -8.41
CA HIS B 232 -16.32 -24.71 -7.01
C HIS B 232 -17.46 -23.85 -6.46
N LEU B 233 -17.90 -22.86 -7.23
CA LEU B 233 -19.03 -22.04 -6.79
C LEU B 233 -20.26 -22.90 -6.56
N ASP B 234 -20.53 -23.81 -7.49
CA ASP B 234 -21.69 -24.69 -7.39
C ASP B 234 -21.64 -25.53 -6.13
N ARG B 235 -20.44 -26.02 -5.79
CA ARG B 235 -20.27 -26.88 -4.62
C ARG B 235 -20.73 -26.19 -3.35
N PHE B 236 -20.58 -24.87 -3.25
CA PHE B 236 -20.99 -24.15 -2.05
C PHE B 236 -22.28 -23.36 -2.24
N GLY B 237 -23.00 -23.59 -3.34
CA GLY B 237 -24.26 -22.89 -3.58
C GLY B 237 -24.13 -21.41 -3.84
N VAL B 238 -22.99 -20.98 -4.42
CA VAL B 238 -22.70 -19.57 -4.68
C VAL B 238 -22.85 -19.33 -6.17
N THR B 239 -23.52 -18.23 -6.53
CA THR B 239 -23.59 -17.84 -7.92
C THR B 239 -22.58 -16.73 -8.20
N ARG B 240 -22.27 -16.55 -9.48
CA ARG B 240 -21.41 -15.44 -9.87
C ARG B 240 -22.02 -14.11 -9.43
N ALA B 241 -23.34 -13.94 -9.60
CA ALA B 241 -24.00 -12.72 -9.16
C ALA B 241 -23.90 -12.55 -7.64
N ASP B 242 -23.96 -13.66 -6.90
CA ASP B 242 -23.71 -13.61 -5.45
C ASP B 242 -22.37 -12.98 -5.14
N LEU B 243 -21.30 -13.51 -5.75
CA LEU B 243 -19.97 -12.97 -5.50
C LEU B 243 -19.90 -11.51 -5.90
N ASP B 244 -20.47 -11.18 -7.05
CA ASP B 244 -20.44 -9.80 -7.52
C ASP B 244 -21.07 -8.86 -6.50
N ARG B 245 -22.18 -9.29 -5.88
CA ARG B 245 -22.87 -8.45 -4.89
C ARG B 245 -22.12 -8.39 -3.57
N GLN B 246 -21.51 -9.49 -3.15
CA GLN B 246 -21.00 -9.57 -1.78
C GLN B 246 -19.56 -9.12 -1.62
N ILE B 247 -18.65 -9.48 -2.55
CA ILE B 247 -17.26 -9.11 -2.37
C ILE B 247 -17.14 -7.60 -2.42
N GLY B 248 -16.47 -7.02 -1.42
CA GLY B 248 -16.34 -5.58 -1.31
C GLY B 248 -17.49 -4.90 -0.62
N SER B 249 -18.54 -5.64 -0.26
CA SER B 249 -19.64 -5.11 0.52
C SER B 249 -19.33 -5.26 2.00
N GLY B 250 -20.23 -4.81 2.85
CA GLY B 250 -19.98 -4.95 4.27
C GLY B 250 -20.19 -6.32 4.87
N HIS B 251 -20.67 -7.30 4.10
CA HIS B 251 -21.08 -8.58 4.65
C HIS B 251 -20.89 -9.70 3.63
N LEU B 252 -20.54 -10.88 4.15
CA LEU B 252 -20.39 -12.09 3.35
C LEU B 252 -21.26 -13.19 3.93
N THR B 253 -21.96 -13.92 3.07
CA THR B 253 -22.72 -15.06 3.58
C THR B 253 -21.79 -16.19 3.98
N ASP B 254 -22.34 -17.12 4.77
CA ASP B 254 -21.57 -18.30 5.15
C ASP B 254 -21.12 -19.09 3.92
N ASP B 255 -21.97 -19.18 2.90
CA ASP B 255 -21.60 -19.91 1.69
C ASP B 255 -20.41 -19.25 0.99
N VAL B 256 -20.42 -17.92 0.88
CA VAL B 256 -19.29 -17.25 0.23
C VAL B 256 -18.02 -17.40 1.06
N ARG B 257 -18.13 -17.29 2.39
CA ARG B 257 -16.96 -17.45 3.23
C ARG B 257 -16.38 -18.86 3.11
N GLU B 258 -17.25 -19.86 2.97
CA GLU B 258 -16.77 -21.23 2.82
C GLU B 258 -16.07 -21.41 1.47
N LEU B 259 -16.60 -20.80 0.41
CA LEU B 259 -15.91 -20.83 -0.88
C LEU B 259 -14.52 -20.21 -0.77
N LEU B 260 -14.41 -19.04 -0.12
CA LEU B 260 -13.11 -18.41 0.03
C LEU B 260 -12.16 -19.29 0.84
N ARG B 261 -12.66 -19.88 1.92
CA ARG B 261 -11.83 -20.78 2.73
C ARG B 261 -11.35 -21.98 1.91
N PHE B 262 -12.24 -22.52 1.08
CA PHE B 262 -11.87 -23.62 0.19
C PHE B 262 -10.77 -23.21 -0.78
N GLU B 263 -10.92 -22.08 -1.46
CA GLU B 263 -9.94 -21.67 -2.46
C GLU B 263 -8.59 -21.33 -1.80
N ILE B 264 -8.62 -20.67 -0.66
CA ILE B 264 -7.38 -20.34 0.05
C ILE B 264 -6.69 -21.63 0.52
N GLY B 265 -7.48 -22.61 0.95
CA GLY B 265 -6.89 -23.88 1.38
C GLY B 265 -6.26 -24.65 0.23
N ARG B 266 -6.83 -24.55 -0.96
CA ARG B 266 -6.21 -25.18 -2.13
C ARG B 266 -4.86 -24.54 -2.46
N ALA B 267 -4.79 -23.21 -2.39
CA ALA B 267 -3.51 -22.52 -2.60
C ALA B 267 -2.49 -22.95 -1.57
N LYS B 268 -2.89 -23.05 -0.30
CA LYS B 268 -1.98 -23.45 0.76
C LYS B 268 -1.45 -24.86 0.52
N LYS B 269 -2.32 -25.77 0.05
CA LYS B 269 -1.87 -27.13 -0.22
C LYS B 269 -0.77 -27.14 -1.27
N HIS B 270 -0.94 -26.37 -2.35
CA HIS B 270 0.09 -26.32 -3.38
C HIS B 270 1.37 -25.69 -2.85
N LEU B 271 1.26 -24.62 -2.06
CA LEU B 271 2.47 -23.98 -1.54
C LEU B 271 3.24 -24.93 -0.62
N ASP B 272 2.54 -25.65 0.25
CA ASP B 272 3.18 -26.66 1.09
C ASP B 272 3.83 -27.74 0.25
N ALA B 273 3.19 -28.16 -0.84
CA ALA B 273 3.78 -29.18 -1.71
C ALA B 273 5.07 -28.69 -2.36
N GLY B 274 5.16 -27.40 -2.63
CA GLY B 274 6.24 -26.85 -3.43
C GLY B 274 7.34 -26.24 -2.58
N ARG B 275 7.09 -26.16 -1.27
CA ARG B 275 7.91 -25.33 -0.37
C ARG B 275 9.41 -25.70 -0.38
N GLY B 276 9.75 -26.94 -0.74
CA GLY B 276 11.15 -27.35 -0.84
C GLY B 276 11.90 -26.80 -2.05
N TRP B 277 11.25 -26.02 -2.92
CA TRP B 277 11.90 -25.61 -4.16
C TRP B 277 13.27 -24.97 -3.94
N PRO B 278 13.44 -24.03 -3.00
CA PRO B 278 14.75 -23.36 -2.88
C PRO B 278 15.90 -24.32 -2.64
N GLN B 279 15.66 -25.38 -1.87
CA GLN B 279 16.74 -26.34 -1.61
C GLN B 279 17.08 -27.19 -2.82
N SER B 280 16.19 -27.26 -3.82
CA SER B 280 16.49 -27.96 -5.08
C SER B 280 17.19 -27.08 -6.10
N LEU B 281 17.50 -25.84 -5.76
CA LEU B 281 18.14 -24.88 -6.66
C LEU B 281 19.56 -24.58 -6.21
N HIS B 282 20.32 -24.00 -7.14
CA HIS B 282 21.67 -23.57 -6.80
C HIS B 282 21.61 -22.63 -5.58
N PRO B 283 22.58 -22.71 -4.66
CA PRO B 283 22.54 -21.81 -3.49
C PRO B 283 22.29 -20.33 -3.82
N THR B 284 22.83 -19.82 -4.94
CA THR B 284 22.68 -18.41 -5.27
C THR B 284 21.26 -18.05 -5.68
N SER B 285 20.40 -19.03 -5.97
CA SER B 285 19.01 -18.80 -6.31
C SER B 285 18.08 -18.93 -5.11
N ARG B 286 18.57 -19.46 -4.00
CA ARG B 286 17.69 -19.85 -2.90
C ARG B 286 17.09 -18.65 -2.18
N THR B 287 17.88 -17.58 -2.00
CA THR B 287 17.37 -16.47 -1.20
C THR B 287 16.16 -15.83 -1.88
N PHE B 288 16.21 -15.64 -3.20
CA PHE B 288 15.08 -15.07 -3.91
C PHE B 288 13.81 -15.89 -3.68
N MET B 289 13.87 -17.19 -3.93
CA MET B 289 12.63 -17.97 -3.83
C MET B 289 12.19 -18.17 -2.38
N GLU B 290 13.12 -18.26 -1.43
CA GLU B 290 12.71 -18.28 -0.03
C GLU B 290 11.95 -16.99 0.31
N ALA B 291 12.45 -15.86 -0.18
CA ALA B 291 11.79 -14.58 0.08
C ALA B 291 10.42 -14.54 -0.58
N ASP B 292 10.34 -14.96 -1.84
CA ASP B 292 9.05 -14.97 -2.53
C ASP B 292 8.05 -15.88 -1.83
N ILE B 293 8.48 -17.08 -1.43
CA ILE B 293 7.59 -17.99 -0.71
C ILE B 293 7.13 -17.35 0.60
N GLN B 294 8.04 -16.67 1.31
CA GLN B 294 7.64 -16.01 2.56
C GLN B 294 6.64 -14.88 2.30
N LEU B 295 6.83 -14.14 1.21
CA LEU B 295 5.90 -13.09 0.83
C LEU B 295 4.50 -13.67 0.64
N HIS B 296 4.39 -14.77 -0.08
CA HIS B 296 3.06 -15.37 -0.29
C HIS B 296 2.53 -16.02 0.99
N ASP B 297 3.41 -16.61 1.81
CA ASP B 297 2.97 -17.06 3.14
C ASP B 297 2.31 -15.91 3.89
N SER B 298 2.83 -14.70 3.75
CA SER B 298 2.32 -13.54 4.45
CA SER B 298 2.29 -13.57 4.50
C SER B 298 0.94 -13.11 3.95
N MET B 299 0.54 -13.58 2.77
CA MET B 299 -0.77 -13.21 2.23
C MET B 299 -1.91 -13.92 2.95
N PHE B 300 -1.66 -15.12 3.49
CA PHE B 300 -2.75 -15.89 4.09
C PHE B 300 -3.41 -15.19 5.27
N PRO B 301 -2.66 -14.68 6.26
CA PRO B 301 -3.32 -13.94 7.36
C PRO B 301 -4.05 -12.70 6.90
N GLN B 302 -3.50 -11.98 5.91
CA GLN B 302 -4.18 -10.82 5.36
C GLN B 302 -5.53 -11.19 4.77
N LEU B 303 -5.62 -12.35 4.11
CA LEU B 303 -6.87 -12.75 3.46
C LEU B 303 -7.92 -13.21 4.46
N THR B 304 -7.51 -13.77 5.59
CA THR B 304 -8.44 -14.47 6.46
C THR B 304 -8.72 -13.73 7.76
N LYS B 305 -7.86 -12.81 8.17
CA LYS B 305 -8.01 -12.20 9.49
C LYS B 305 -9.30 -11.40 9.61
N ASN B 306 -9.81 -11.30 10.83
CA ASN B 306 -10.97 -10.47 11.12
C ASN B 306 -12.18 -10.87 10.27
N GLY B 307 -12.49 -12.17 10.29
CA GLY B 307 -13.64 -12.68 9.55
C GLY B 307 -13.58 -12.45 8.07
N TYR B 308 -12.40 -12.58 7.46
CA TYR B 308 -12.25 -12.37 6.02
C TYR B 308 -12.54 -10.93 5.61
N ALA B 309 -12.14 -9.98 6.48
CA ALA B 309 -12.35 -8.55 6.21
C ALA B 309 -11.72 -8.12 4.89
N PHE B 310 -10.66 -8.79 4.45
CA PHE B 310 -10.05 -8.50 3.15
C PHE B 310 -11.09 -8.39 2.04
N PHE B 311 -12.12 -9.23 2.11
CA PHE B 311 -13.11 -9.33 1.05
C PHE B 311 -14.33 -8.47 1.29
N LYS B 312 -14.30 -7.64 2.31
CA LYS B 312 -15.36 -6.70 2.60
C LYS B 312 -14.88 -5.28 2.30
N THR B 313 -15.64 -4.29 2.78
CA THR B 313 -15.36 -2.90 2.44
C THR B 313 -13.92 -2.55 2.83
N ALA B 314 -13.26 -1.79 1.97
CA ALA B 314 -11.84 -1.52 2.17
C ALA B 314 -11.62 -0.77 3.49
N LYS B 315 -10.52 -1.09 4.15
CA LYS B 315 -10.11 -0.40 5.36
C LYS B 315 -8.72 0.20 5.14
N ALA B 316 -8.48 1.32 5.81
CA ALA B 316 -7.18 1.99 5.68
C ALA B 316 -6.05 1.10 6.20
N GLY B 317 -5.01 0.96 5.40
CA GLY B 317 -3.86 0.18 5.83
C GLY B 317 -2.86 0.09 4.70
N LEU B 318 -1.62 -0.20 5.08
CA LEU B 318 -0.55 -0.32 4.09
C LEU B 318 -0.37 -1.73 3.55
N GLY B 319 -0.89 -2.74 4.24
CA GLY B 319 -0.80 -4.10 3.72
C GLY B 319 0.63 -4.56 3.57
N LEU B 320 0.97 -5.09 2.40
CA LEU B 320 2.27 -5.69 2.14
C LEU B 320 3.33 -4.68 1.66
N THR B 321 2.99 -3.39 1.60
CA THR B 321 3.92 -2.35 1.17
C THR B 321 4.40 -1.48 2.33
N SER B 322 4.18 -1.90 3.57
CA SER B 322 4.67 -1.17 4.73
C SER B 322 6.19 -1.05 4.72
N GLY B 323 6.69 -0.08 5.49
CA GLY B 323 8.12 0.05 5.68
C GLY B 323 8.77 -1.21 6.23
N LEU B 324 8.05 -1.95 7.09
CA LEU B 324 8.60 -3.19 7.62
C LEU B 324 8.80 -4.23 6.52
N MET B 325 7.84 -4.33 5.61
CA MET B 325 8.00 -5.24 4.47
C MET B 325 9.17 -4.79 3.59
N ILE B 326 9.29 -3.48 3.37
CA ILE B 326 10.43 -2.97 2.61
C ILE B 326 11.73 -3.33 3.30
N ALA B 327 11.77 -3.21 4.63
CA ALA B 327 12.97 -3.59 5.36
C ALA B 327 13.24 -5.09 5.23
N ARG B 328 12.20 -5.91 5.28
CA ARG B 328 12.41 -7.36 5.13
C ARG B 328 13.09 -7.66 3.80
N THR B 329 12.73 -6.91 2.74
CA THR B 329 13.35 -7.11 1.44
C THR B 329 14.82 -6.70 1.45
N ALA B 330 15.15 -5.59 2.12
CA ALA B 330 16.55 -5.22 2.26
C ALA B 330 17.33 -6.32 2.99
N SER B 331 16.75 -6.91 4.03
CA SER B 331 17.44 -7.95 4.79
C SER B 331 17.71 -9.16 3.91
N ALA B 332 16.76 -9.50 3.04
CA ALA B 332 16.98 -10.66 2.17
C ALA B 332 18.06 -10.37 1.14
N ILE B 333 18.11 -9.14 0.63
CA ILE B 333 19.17 -8.78 -0.30
C ILE B 333 20.53 -8.91 0.39
N ALA B 334 20.60 -8.54 1.68
CA ALA B 334 21.85 -8.69 2.42
C ALA B 334 22.20 -10.16 2.62
N ARG B 335 21.22 -10.99 3.00
CA ARG B 335 21.49 -12.41 3.12
C ARG B 335 21.96 -13.00 1.79
N ALA B 336 21.34 -12.58 0.69
CA ALA B 336 21.73 -13.08 -0.63
C ALA B 336 23.16 -12.70 -0.98
N ARG B 337 23.57 -11.47 -0.67
CA ARG B 337 24.94 -11.09 -1.03
C ARG B 337 25.96 -11.95 -0.28
N LYS B 338 25.67 -12.30 0.98
CA LYS B 338 26.60 -13.15 1.73
C LYS B 338 26.69 -14.54 1.12
N ILE B 339 25.55 -15.12 0.74
CA ILE B 339 25.55 -16.43 0.09
C ILE B 339 26.24 -16.37 -1.27
N ASN B 340 26.00 -15.29 -2.03
CA ASN B 340 26.61 -15.19 -3.35
C ASN B 340 28.12 -15.03 -3.26
N GLN B 341 28.61 -14.21 -2.32
CA GLN B 341 30.05 -14.11 -2.16
C GLN B 341 30.65 -15.43 -1.72
N GLN B 342 29.96 -16.17 -0.85
CA GLN B 342 30.47 -17.48 -0.45
C GLN B 342 30.55 -18.43 -1.65
N ALA B 343 29.54 -18.41 -2.52
CA ALA B 343 29.58 -19.23 -3.73
C ALA B 343 30.74 -18.81 -4.64
N ILE B 344 30.92 -17.51 -4.82
CA ILE B 344 32.02 -17.01 -5.63
C ILE B 344 33.37 -17.48 -5.08
N ARG B 345 33.57 -17.40 -3.75
CA ARG B 345 34.79 -17.94 -3.16
C ARG B 345 35.00 -19.41 -3.49
N GLY B 346 33.92 -20.17 -3.62
CA GLY B 346 34.01 -21.57 -4.01
C GLY B 346 34.10 -21.83 -5.50
N GLY B 347 34.21 -20.78 -6.31
CA GLY B 347 34.40 -20.96 -7.74
C GLY B 347 33.17 -20.80 -8.60
N TYR B 348 32.07 -20.28 -8.04
CA TYR B 348 30.87 -20.13 -8.85
C TYR B 348 31.05 -19.04 -9.88
N ARG B 349 30.59 -19.31 -11.09
CA ARG B 349 30.67 -18.34 -12.17
C ARG B 349 29.46 -18.52 -13.08
N VAL B 350 28.80 -17.41 -13.43
CA VAL B 350 27.66 -17.51 -14.34
C VAL B 350 28.15 -17.94 -15.71
N ARG B 351 27.34 -18.73 -16.41
CA ARG B 351 27.77 -19.29 -17.68
C ARG B 351 28.02 -18.20 -18.72
N ALA B 352 28.86 -18.53 -19.70
CA ALA B 352 29.18 -17.60 -20.77
C ALA B 352 27.91 -17.21 -21.55
N PRO B 353 27.85 -15.99 -22.07
CA PRO B 353 26.69 -15.58 -22.87
C PRO B 353 26.69 -16.27 -24.24
N PHE B 354 25.48 -16.46 -24.77
CA PHE B 354 25.34 -16.92 -26.15
C PHE B 354 25.98 -15.91 -27.10
N GLN B 355 26.58 -16.40 -28.16
CA GLN B 355 27.13 -15.53 -29.20
C GLN B 355 26.86 -16.08 -30.60
MG MG C . -12.62 19.47 17.78
MG MG D . -14.77 18.23 15.95
CAS AO6 E . -2.06 13.19 11.58
CAR AO6 E . -3.39 12.43 11.62
OAT AO6 E . -3.66 11.93 10.33
CAQ AO6 E . -3.26 11.31 12.64
CAJ AO6 E . -3.38 11.90 14.04
CAH AO6 E . -4.79 12.35 14.50
NAG AO6 E . -5.99 12.31 13.82
CAD AO6 E . -6.93 12.83 14.66
CAC AO6 E . -8.46 13.03 14.44
CAB AO6 E . -9.28 13.63 15.55
CAA AO6 E . -8.63 14.03 16.83
CAF AO6 E . -7.15 13.84 17.02
CAE AO6 E . -6.32 13.20 15.87
CAI AO6 E . -4.97 12.91 15.77
CAM AO6 E . -3.76 13.07 16.77
OAN AO6 E . -3.97 13.55 17.86
CAL AO6 E . -2.39 12.62 16.33
OAO AO6 E . -1.41 12.73 17.01
CAK AO6 E . -2.23 12.04 14.97
CAP AO6 E . -0.85 11.59 14.49
H1 AO6 E . -2.12 13.98 10.83
H2 AO6 E . -1.26 12.51 11.32
H3 AO6 E . -1.87 13.63 12.56
H4 AO6 E . -4.21 13.07 11.91
H5 AO6 E . -4.54 12.15 10.09
H6 AO6 E . -4.05 10.57 12.48
H7 AO6 E . -2.29 10.82 12.53
H8 AO6 E . -6.13 11.97 12.89
H9 AO6 E . -8.93 12.74 13.52
H10 AO6 E . -10.33 13.78 15.42
H11 AO6 E . -9.23 14.46 17.63
H12 AO6 E . -6.68 14.14 17.95
H13 AO6 E . -0.48 12.29 13.75
H14 AO6 E . -0.17 11.55 15.33
H15 AO6 E . -0.93 10.60 14.04
C1 83B F . -2.20 15.79 15.08
C2 83B F . -3.52 16.48 14.69
C3 83B F . -3.94 16.45 13.44
C4 83B F . -5.24 17.13 13.02
C5 83B F . -6.39 16.15 12.80
C6 83B F . -7.69 16.89 13.16
C7 83B F . -7.71 16.95 14.68
C8 83B F . -9.09 17.26 15.23
C10 83B F . -4.34 17.18 15.80
C11 83B F . -7.71 18.30 12.57
O9 83B F . -8.95 18.22 16.24
O13 83B F . -10.58 19.60 14.59
O15 83B F . -12.88 19.22 15.62
O16 83B F . -8.78 20.81 15.95
O17 83B F . -12.45 21.30 14.83
O18 83B F . -10.68 19.83 17.17
O19 83B F . -12.80 19.46 13.04
P12 83B F . -9.74 19.65 16.01
P14 83B F . -12.19 19.89 14.52
H012 83B F . -1.53 15.81 14.24
H011 83B F . -2.40 14.76 15.36
H013 83B F . -1.76 16.32 15.92
H031 83B F . -3.35 15.93 12.70
H041 83B F . -5.06 17.67 12.09
H042 83B F . -5.53 17.84 13.79
H052 83B F . -6.28 15.29 13.45
H051 83B F . -6.43 15.83 11.77
H061 83B F . -8.56 16.37 12.74
H071 83B F . -7.04 17.73 15.00
H072 83B F . -7.38 16.00 15.08
H081 83B F . -9.74 17.63 14.45
H082 83B F . -9.53 16.35 15.65
H101 83B F . -4.58 18.18 15.48
H103 83B F . -3.75 17.22 16.71
H102 83B F . -5.25 16.62 15.98
H111 83B F . -7.21 18.98 13.25
H112 83B F . -8.74 18.61 12.42
H113 83B F . -7.19 18.29 11.61
MG MG G . -2.24 -9.48 -9.15
MG MG H . -4.34 -10.91 -10.91
CAS AO6 I . 8.63 -15.60 -14.09
CAR AO6 I . 7.37 -16.45 -14.06
OAT AO6 I . 7.24 -17.16 -15.27
CAQ AO6 I . 7.49 -17.42 -12.90
CAJ AO6 I . 7.28 -16.72 -11.56
CAH AO6 I . 5.83 -16.30 -11.20
NAG AO6 I . 4.66 -16.46 -11.91
CAD AO6 I . 3.64 -15.93 -11.16
CAC AO6 I . 2.12 -15.84 -11.47
CAB AO6 I . 1.22 -15.18 -10.46
CAA AO6 I . 1.78 -14.66 -9.19
CAF AO6 I . 3.26 -14.74 -8.92
CAE AO6 I . 4.19 -15.43 -9.97
CAI AO6 I . 5.55 -15.65 -9.99
CAM AO6 I . 6.69 -15.34 -8.97
OAN AO6 I . 6.42 -14.77 -7.93
CAL AO6 I . 8.10 -15.74 -9.31
OAO AO6 I . 9.02 -15.53 -8.57
CAK AO6 I . 8.38 -16.43 -10.60
CAP AO6 I . 9.81 -16.84 -10.94
H1 AO6 I . 8.77 -15.21 -15.10
H2 AO6 I . 9.48 -16.21 -13.82
H3 AO6 I . 8.53 -14.77 -13.40
H4 AO6 I . 6.49 -15.82 -13.92
H5 AO6 I . 6.50 -16.81 -15.75
H6 AO6 I . 6.74 -18.20 -13.02
H7 AO6 I . 8.48 -17.87 -12.91
H8 AO6 I . 4.58 -16.89 -12.81
H9 AO6 I . 1.72 -16.23 -12.39
H10 AO6 I . 0.16 -15.11 -10.66
H11 AO6 I . 1.12 -14.21 -8.46
H12 AO6 I . 3.67 -14.33 -8.00
H13 AO6 I . 10.44 -15.96 -10.93
H14 AO6 I . 10.17 -17.55 -10.20
H15 AO6 I . 9.83 -17.29 -11.92
C1 83B J . 9.33 -12.35 -10.03
C2 83B J . 7.93 -11.86 -10.37
C3 83B J . 7.29 -12.28 -11.43
C4 83B J . 5.88 -11.76 -11.69
C5 83B J . 5.22 -12.41 -12.90
C6 83B J . 3.74 -12.62 -12.65
C7 83B J . 2.99 -11.34 -12.26
C8 83B J . 2.41 -11.53 -10.85
C10 83B J . 7.24 -10.86 -9.43
C11 83B J . 3.13 -13.13 -13.95
O9 83B J . 1.06 -11.14 -10.77
O13 83B J . -0.30 -9.53 -12.35
O15 83B J . -2.62 -9.78 -11.22
O16 83B J . 1.78 -8.64 -11.12
O17 83B J . -2.11 -7.76 -12.14
O18 83B J . -0.23 -9.10 -9.78
O19 83B J . -2.54 -9.66 -13.81
P12 83B J . 0.60 -9.55 -10.97
P14 83B J . -1.90 -9.19 -12.37
H012 83B J . 10.01 -12.11 -10.84
H011 83B J . 9.32 -13.43 -9.87
H013 83B J . 9.68 -11.86 -9.12
H031 83B J . 7.76 -13.00 -12.12
H041 83B J . 5.94 -10.68 -11.87
H042 83B J . 5.28 -11.95 -10.81
H052 83B J . 5.69 -13.38 -13.08
H051 83B J . 5.36 -11.78 -13.77
H061 83B J . 3.63 -13.30 -11.82
H071 83B J . 2.19 -11.15 -12.97
H072 83B J . 3.69 -10.50 -12.26
H081 83B J . 2.99 -10.93 -10.16
H082 83B J . 2.49 -12.58 -10.58
H101 83B J . 6.91 -10.00 -10.01
H103 83B J . 7.94 -10.54 -8.67
H102 83B J . 6.39 -11.34 -8.96
H111 83B J . 2.88 -12.29 -14.60
H112 83B J . 2.22 -13.70 -13.73
H113 83B J . 3.83 -13.78 -14.45
#